data_3TJ0
#
_entry.id   3TJ0
#
_cell.length_a   106.951
_cell.length_b   123.342
_cell.length_c   198.083
_cell.angle_alpha   90.00
_cell.angle_beta   90.00
_cell.angle_gamma   90.00
#
_symmetry.space_group_name_H-M   'I 2 2 2'
#
_entity_poly.entity_id   1
_entity_poly.type   'polypeptide(L)'
_entity_poly.pdbx_seq_one_letter_code
;GSMSNMDIDGINTGTIDKTPEEITSGTSGTTRPIIRPATLAPPSNKRTRNPSPERATTSSEDDVGRKTQKKQTPTEIKKS
VYNMVVKLGEFYNQMMVKAGLNDDMERNLIQNAHAVERILLAATDDKKTEFQKKKNARDVKEGKEEIDHNKTGGTFYKMV
RDDKTIYFSPIRITFLKEEVKTMYKTTMGSDGFSGLNHIMIGHSQMNDVCFQRSKALKRVGLDPSLISTFAGSTIPRRSG
ATGVAIKGGGTLVAEAIRFIGRAMADRGLLRDIKAKTAYEKILLNLKNKCSAPQQKALVDQVIGSRNPGIADIEDLTLLA
RSMVVVRPSVASKVVLPISIYAKIPQLGFNVEEYSMVGYEAMALYNMATPVSILRMGDDAKDKSQLFFMSCFGAAYEDLR
VLSALTGTEFKPRSALKCKGFHVPAKEQVEGMGAALMSIKLQFWAPMTRSGGNEVGGDGGSGQISCSPVFAVERPIALSK
QAVRRMLSMNIEGRDADVKGNLLKMMNDSMAKKTSGNAFIGKKMFQISDKNKTNPVEIQIKQTIPNFFFGRDTAEDYDDL
DY
;
_entity_poly.pdbx_strand_id   A,B
#
# COMPACT_ATOMS: atom_id res chain seq x y z
N THR A 75 -0.29 28.15 12.24
CA THR A 75 -0.14 27.97 13.67
C THR A 75 -1.47 27.65 14.34
N GLU A 76 -2.28 28.68 14.59
CA GLU A 76 -3.60 28.49 15.18
C GLU A 76 -4.66 28.32 14.10
N ILE A 77 -4.27 28.53 12.84
CA ILE A 77 -5.19 28.42 11.72
C ILE A 77 -5.65 26.97 11.55
N LYS A 78 -4.75 26.03 11.77
CA LYS A 78 -5.08 24.60 11.68
C LYS A 78 -6.22 24.28 12.63
N LYS A 79 -6.11 24.79 13.86
CA LYS A 79 -7.13 24.59 14.88
C LYS A 79 -8.47 25.09 14.37
N SER A 80 -8.43 26.13 13.55
CA SER A 80 -9.64 26.72 12.98
C SER A 80 -10.23 25.82 11.91
N VAL A 81 -9.37 25.32 11.02
CA VAL A 81 -9.77 24.43 9.96
C VAL A 81 -10.27 23.09 10.50
N TYR A 82 -9.67 22.66 11.61
CA TYR A 82 -10.06 21.40 12.24
C TYR A 82 -11.55 21.40 12.58
N ASN A 83 -11.98 22.38 13.35
CA ASN A 83 -13.39 22.50 13.71
C ASN A 83 -14.28 22.64 12.49
N MET A 84 -13.75 23.27 11.45
CA MET A 84 -14.50 23.48 10.22
C MET A 84 -14.92 22.14 9.61
N VAL A 85 -13.98 21.22 9.49
CA VAL A 85 -14.25 19.91 8.90
C VAL A 85 -15.04 19.01 9.85
N VAL A 86 -14.69 19.03 11.13
CA VAL A 86 -15.38 18.23 12.12
C VAL A 86 -16.88 18.50 12.10
N LYS A 87 -17.24 19.79 12.13
CA LYS A 87 -18.63 20.20 12.11
C LYS A 87 -19.35 19.69 10.86
N LEU A 88 -18.67 19.75 9.73
CA LEU A 88 -19.22 19.23 8.48
C LEU A 88 -19.59 17.76 8.65
N GLY A 89 -18.73 17.02 9.33
CA GLY A 89 -19.00 15.62 9.63
C GLY A 89 -20.19 15.47 10.55
N GLU A 90 -20.21 16.27 11.61
CA GLU A 90 -21.33 16.26 12.55
C GLU A 90 -22.64 16.45 11.80
N PHE A 91 -22.65 17.39 10.87
CA PHE A 91 -23.83 17.65 10.07
C PHE A 91 -24.23 16.40 9.29
N TYR A 92 -23.25 15.74 8.68
CA TYR A 92 -23.50 14.52 7.92
C TYR A 92 -24.16 13.46 8.80
N ASN A 93 -23.60 13.26 9.99
CA ASN A 93 -24.17 12.32 10.95
C ASN A 93 -25.65 12.59 11.20
N GLN A 94 -25.96 13.75 11.77
CA GLN A 94 -27.34 14.10 12.05
C GLN A 94 -28.19 14.17 10.79
N MET A 95 -27.55 14.43 9.66
CA MET A 95 -28.24 14.49 8.38
C MET A 95 -28.70 13.10 7.99
N MET A 96 -27.80 12.14 8.10
CA MET A 96 -28.12 10.74 7.80
C MET A 96 -29.12 10.18 8.81
N VAL A 97 -29.00 10.64 10.06
CA VAL A 97 -29.93 10.23 11.11
C VAL A 97 -31.36 10.57 10.71
N LYS A 98 -31.54 11.77 10.15
CA LYS A 98 -32.84 12.18 9.64
C LYS A 98 -33.34 11.17 8.61
N ALA A 99 -32.47 10.80 7.68
CA ALA A 99 -32.80 9.87 6.61
C ALA A 99 -33.12 8.47 7.16
N GLY A 100 -32.60 8.18 8.36
CA GLY A 100 -32.78 6.88 8.96
C GLY A 100 -31.68 5.91 8.57
N LEU A 101 -30.55 6.46 8.16
CA LEU A 101 -29.41 5.63 7.76
C LEU A 101 -28.34 5.65 8.85
N ASN A 102 -28.13 4.48 9.46
CA ASN A 102 -27.32 4.37 10.67
C ASN A 102 -26.11 3.46 10.53
N ASP A 103 -26.35 2.19 10.20
CA ASP A 103 -25.30 1.19 10.13
C ASP A 103 -24.11 1.73 9.33
N ASP A 104 -22.90 1.50 9.87
CA ASP A 104 -21.68 2.09 9.33
C ASP A 104 -21.49 1.85 7.84
N MET A 105 -22.01 0.74 7.33
CA MET A 105 -21.93 0.44 5.92
C MET A 105 -22.56 1.57 5.11
N GLU A 106 -23.60 2.17 5.67
CA GLU A 106 -24.26 3.31 5.05
C GLU A 106 -23.52 4.62 5.32
N ARG A 107 -23.04 4.78 6.55
CA ARG A 107 -22.34 6.01 6.94
C ARG A 107 -21.09 6.25 6.10
N ASN A 108 -20.36 5.17 5.82
CA ASN A 108 -19.10 5.28 5.12
C ASN A 108 -19.24 5.33 3.60
N LEU A 109 -20.42 4.98 3.11
CA LEU A 109 -20.68 5.02 1.68
C LEU A 109 -20.50 6.45 1.17
N ILE A 110 -19.64 6.63 0.17
CA ILE A 110 -19.36 7.96 -0.36
C ILE A 110 -20.52 8.48 -1.20
N GLN A 111 -21.36 7.56 -1.67
CA GLN A 111 -22.56 7.94 -2.41
C GLN A 111 -23.52 8.70 -1.51
N ASN A 112 -23.72 8.19 -0.30
CA ASN A 112 -24.57 8.86 0.67
C ASN A 112 -24.05 10.24 1.04
N ALA A 113 -22.72 10.35 1.13
CA ALA A 113 -22.07 11.64 1.33
C ALA A 113 -22.49 12.60 0.23
N HIS A 114 -22.15 12.26 -1.00
CA HIS A 114 -22.51 13.07 -2.16
C HIS A 114 -24.00 13.46 -2.11
N ALA A 115 -24.82 12.52 -1.67
CA ALA A 115 -26.26 12.73 -1.58
C ALA A 115 -26.61 13.93 -0.71
N VAL A 116 -26.15 13.93 0.53
CA VAL A 116 -26.45 15.03 1.45
C VAL A 116 -25.69 16.30 1.06
N GLU A 117 -24.59 16.12 0.33
CA GLU A 117 -23.83 17.26 -0.18
C GLU A 117 -24.60 17.97 -1.28
N ARG A 118 -25.40 17.22 -2.04
CA ARG A 118 -26.28 17.80 -3.02
C ARG A 118 -27.45 18.50 -2.34
N ILE A 119 -28.10 17.78 -1.43
CA ILE A 119 -29.26 18.31 -0.74
C ILE A 119 -28.91 19.56 0.07
N LEU A 120 -27.65 19.66 0.49
CA LEU A 120 -27.19 20.81 1.25
C LEU A 120 -26.97 22.00 0.34
N LEU A 121 -26.01 21.87 -0.59
CA LEU A 121 -25.68 22.95 -1.51
C LEU A 121 -26.92 23.50 -2.22
N ALA A 122 -27.84 22.61 -2.55
CA ALA A 122 -29.08 23.00 -3.20
C ALA A 122 -29.94 23.85 -2.26
N ALA A 123 -30.03 23.44 -1.00
CA ALA A 123 -30.87 24.12 -0.03
C ALA A 123 -30.29 25.46 0.42
N THR A 124 -28.99 25.62 0.28
CA THR A 124 -28.33 26.86 0.70
C THR A 124 -28.22 27.86 -0.45
N ASP A 125 -28.78 27.50 -1.60
CA ASP A 125 -28.75 28.37 -2.77
C ASP A 125 -30.14 28.56 -3.36
N ASP A 126 -30.51 29.82 -3.61
CA ASP A 126 -31.80 30.14 -4.22
C ASP A 126 -31.87 29.60 -5.65
N LYS A 127 -32.93 28.84 -5.93
CA LYS A 127 -33.10 28.22 -7.24
C LYS A 127 -34.28 28.84 -7.98
N LYS A 128 -35.49 28.49 -7.55
CA LYS A 128 -36.74 29.04 -8.08
C LYS A 128 -37.89 28.07 -7.93
N HIS A 149 -43.26 21.37 -4.19
CA HIS A 149 -42.16 22.25 -4.59
C HIS A 149 -41.37 22.73 -3.39
N ASN A 150 -40.32 23.51 -3.65
CA ASN A 150 -39.43 24.06 -2.62
C ASN A 150 -38.90 23.02 -1.63
N LYS A 151 -38.71 21.79 -2.10
CA LYS A 151 -38.10 20.74 -1.29
C LYS A 151 -37.09 19.96 -2.12
N THR A 152 -35.85 19.91 -1.65
CA THR A 152 -34.77 19.24 -2.38
C THR A 152 -34.53 17.83 -1.86
N GLY A 153 -34.59 16.85 -2.77
CA GLY A 153 -34.32 15.47 -2.43
C GLY A 153 -33.00 14.98 -2.99
N GLY A 154 -32.79 13.67 -2.94
CA GLY A 154 -31.57 13.06 -3.46
C GLY A 154 -31.62 11.55 -3.35
N THR A 155 -30.75 10.88 -4.09
CA THR A 155 -30.70 9.42 -4.07
C THR A 155 -29.77 8.91 -2.97
N PHE A 156 -30.32 8.06 -2.11
CA PHE A 156 -29.57 7.48 -1.00
C PHE A 156 -29.56 5.96 -1.12
N TYR A 157 -28.62 5.32 -0.42
CA TYR A 157 -28.51 3.86 -0.49
C TYR A 157 -28.54 3.23 0.89
N LYS A 158 -29.50 2.33 1.10
CA LYS A 158 -29.62 1.60 2.35
C LYS A 158 -28.80 0.32 2.30
N MET A 159 -28.78 -0.42 3.40
CA MET A 159 -28.04 -1.67 3.46
C MET A 159 -28.98 -2.87 3.59
N VAL A 160 -29.05 -3.67 2.53
CA VAL A 160 -29.83 -4.89 2.57
C VAL A 160 -28.90 -6.04 2.98
N ARG A 161 -29.33 -6.81 3.99
CA ARG A 161 -28.45 -7.82 4.56
C ARG A 161 -28.32 -9.06 3.69
N ASP A 162 -29.39 -9.87 3.62
CA ASP A 162 -29.35 -11.10 2.84
C ASP A 162 -28.36 -12.08 3.48
N ASP A 163 -27.75 -11.62 4.58
CA ASP A 163 -26.61 -12.27 5.22
C ASP A 163 -25.46 -12.39 4.22
N LYS A 164 -24.71 -13.48 4.27
CA LYS A 164 -23.62 -13.71 3.32
C LYS A 164 -22.83 -12.42 3.03
N THR A 165 -22.78 -12.04 1.76
CA THR A 165 -22.15 -10.80 1.34
C THR A 165 -23.09 -9.61 1.58
N ILE A 166 -22.65 -8.40 1.27
CA ILE A 166 -23.44 -7.20 1.53
C ILE A 166 -23.85 -6.49 0.25
N TYR A 167 -24.99 -5.80 0.30
CA TYR A 167 -25.53 -5.11 -0.87
C TYR A 167 -26.23 -3.81 -0.48
N PHE A 168 -26.44 -2.93 -1.47
CA PHE A 168 -27.09 -1.65 -1.24
C PHE A 168 -28.24 -1.41 -2.22
N SER A 169 -29.24 -0.65 -1.77
CA SER A 169 -30.40 -0.35 -2.61
C SER A 169 -30.74 1.14 -2.59
N PRO A 170 -31.18 1.68 -3.73
CA PRO A 170 -31.51 3.10 -3.89
C PRO A 170 -32.76 3.47 -3.11
N ILE A 171 -32.79 4.70 -2.58
CA ILE A 171 -33.89 5.14 -1.72
C ILE A 171 -34.61 6.36 -2.29
N ARG A 172 -33.88 7.47 -2.43
CA ARG A 172 -34.48 8.72 -2.88
C ARG A 172 -35.57 9.23 -1.95
N ILE A 173 -35.16 9.70 -0.77
CA ILE A 173 -36.06 10.42 0.12
C ILE A 173 -35.98 11.91 -0.18
N THR A 174 -36.77 12.70 0.55
CA THR A 174 -36.79 14.14 0.35
C THR A 174 -36.67 14.90 1.67
N PHE A 175 -36.03 16.07 1.60
CA PHE A 175 -35.88 16.93 2.77
C PHE A 175 -36.59 18.26 2.52
N LEU A 176 -36.55 19.16 3.51
CA LEU A 176 -37.06 20.51 3.34
C LEU A 176 -35.92 21.51 3.41
N LYS A 177 -35.80 22.35 2.40
CA LYS A 177 -34.70 23.30 2.30
C LYS A 177 -34.45 24.08 3.59
N GLU A 178 -35.53 24.64 4.14
CA GLU A 178 -35.40 25.49 5.32
C GLU A 178 -34.95 24.68 6.55
N GLU A 179 -35.46 23.47 6.68
CA GLU A 179 -35.05 22.58 7.76
C GLU A 179 -33.57 22.31 7.69
N VAL A 180 -33.10 21.96 6.50
CA VAL A 180 -31.69 21.67 6.26
C VAL A 180 -30.86 22.94 6.41
N LYS A 181 -31.43 24.07 5.98
CA LYS A 181 -30.72 25.34 5.98
C LYS A 181 -30.45 25.82 7.40
N THR A 182 -31.43 25.65 8.28
CA THR A 182 -31.26 26.02 9.68
C THR A 182 -30.40 24.99 10.41
N MET A 183 -30.67 23.72 10.15
CA MET A 183 -29.92 22.62 10.75
C MET A 183 -28.43 22.79 10.52
N TYR A 184 -28.08 23.25 9.32
CA TYR A 184 -26.67 23.42 8.94
C TYR A 184 -26.01 24.58 9.67
N LYS A 185 -26.67 25.74 9.66
CA LYS A 185 -26.10 26.94 10.27
C LYS A 185 -25.96 26.81 11.78
N THR A 186 -26.92 26.11 12.39
CA THR A 186 -26.88 25.86 13.83
C THR A 186 -25.56 25.21 14.22
N THR A 187 -25.33 24.00 13.71
CA THR A 187 -24.13 23.24 14.02
C THR A 187 -22.86 23.87 13.44
N MET A 188 -23.00 24.56 12.31
CA MET A 188 -21.84 25.14 11.64
C MET A 188 -21.35 26.41 12.32
N GLY A 189 -22.27 27.32 12.61
CA GLY A 189 -21.93 28.59 13.23
C GLY A 189 -21.18 29.53 12.28
N SER A 190 -20.09 30.10 12.78
CA SER A 190 -19.30 31.05 12.01
C SER A 190 -18.55 30.39 10.86
N ASP A 191 -18.48 29.07 10.87
CA ASP A 191 -17.77 28.32 9.85
C ASP A 191 -18.69 27.95 8.68
N GLY A 192 -19.93 28.42 8.73
CA GLY A 192 -20.92 28.08 7.73
C GLY A 192 -20.49 28.29 6.29
N PHE A 193 -20.01 29.48 5.96
CA PHE A 193 -19.64 29.81 4.59
C PHE A 193 -18.47 28.98 4.09
N SER A 194 -17.35 29.02 4.81
CA SER A 194 -16.15 28.30 4.40
C SER A 194 -16.43 26.81 4.23
N GLY A 195 -17.45 26.33 4.93
CA GLY A 195 -17.85 24.93 4.84
C GLY A 195 -18.39 24.58 3.47
N LEU A 196 -19.31 25.39 2.98
CA LEU A 196 -19.90 25.17 1.66
C LEU A 196 -18.85 25.30 0.56
N ASN A 197 -17.97 26.29 0.71
CA ASN A 197 -16.89 26.49 -0.25
C ASN A 197 -15.99 25.28 -0.33
N HIS A 198 -15.67 24.71 0.83
CA HIS A 198 -14.86 23.51 0.91
C HIS A 198 -15.47 22.40 0.06
N ILE A 199 -16.68 21.99 0.42
CA ILE A 199 -17.40 20.93 -0.28
C ILE A 199 -17.41 21.15 -1.78
N MET A 200 -17.67 22.38 -2.21
CA MET A 200 -17.72 22.71 -3.62
C MET A 200 -16.36 22.52 -4.31
N ILE A 201 -15.29 22.84 -3.60
CA ILE A 201 -13.95 22.62 -4.12
C ILE A 201 -13.70 21.12 -4.29
N GLY A 202 -14.37 20.32 -3.47
CA GLY A 202 -14.27 18.88 -3.58
C GLY A 202 -14.96 18.38 -4.83
N HIS A 203 -16.21 18.79 -5.03
CA HIS A 203 -16.99 18.40 -6.20
C HIS A 203 -16.26 18.74 -7.49
N SER A 204 -15.69 19.94 -7.55
CA SER A 204 -14.96 20.37 -8.74
C SER A 204 -13.75 19.49 -8.98
N GLN A 205 -13.04 19.14 -7.91
CA GLN A 205 -11.86 18.29 -8.02
C GLN A 205 -12.23 16.88 -8.48
N MET A 206 -13.45 16.45 -8.14
CA MET A 206 -13.92 15.13 -8.56
C MET A 206 -14.39 15.15 -10.00
N ASN A 207 -14.94 16.29 -10.43
CA ASN A 207 -15.41 16.43 -11.80
C ASN A 207 -14.27 16.50 -12.80
N ASP A 208 -13.18 17.16 -12.42
CA ASP A 208 -11.99 17.22 -13.27
C ASP A 208 -11.51 15.81 -13.57
N VAL A 209 -11.58 14.95 -12.56
CA VAL A 209 -11.18 13.55 -12.70
C VAL A 209 -12.18 12.72 -13.51
N CYS A 210 -13.46 12.80 -13.13
CA CYS A 210 -14.49 11.93 -13.68
C CYS A 210 -15.12 12.44 -14.98
N PHE A 211 -14.66 13.61 -15.45
CA PHE A 211 -15.23 14.18 -16.65
C PHE A 211 -14.19 14.84 -17.54
N GLN A 212 -14.26 14.53 -18.84
CA GLN A 212 -13.44 15.19 -19.84
C GLN A 212 -14.22 16.38 -20.37
N ARG A 213 -13.70 17.58 -20.10
CA ARG A 213 -14.41 18.82 -20.40
C ARG A 213 -14.10 19.36 -21.79
N SER A 214 -13.38 18.58 -22.59
CA SER A 214 -12.90 19.01 -23.90
C SER A 214 -13.98 19.65 -24.77
N LYS A 215 -15.22 19.17 -24.68
CA LYS A 215 -16.32 19.78 -25.43
C LYS A 215 -16.50 21.25 -25.02
N ALA A 216 -16.54 21.49 -23.72
CA ALA A 216 -16.63 22.84 -23.19
C ALA A 216 -15.43 23.67 -23.64
N LEU A 217 -14.31 22.98 -23.91
CA LEU A 217 -13.10 23.63 -24.36
C LEU A 217 -13.19 24.05 -25.83
N LYS A 218 -14.06 23.39 -26.58
CA LYS A 218 -14.26 23.71 -28.00
C LYS A 218 -15.23 24.87 -28.26
N ARG A 219 -16.09 25.16 -27.29
CA ARG A 219 -17.11 26.21 -27.45
C ARG A 219 -16.48 27.59 -27.35
N VAL A 220 -15.53 27.72 -26.43
CA VAL A 220 -14.72 28.90 -26.24
C VAL A 220 -13.53 28.69 -27.15
N GLY A 221 -13.66 27.68 -28.01
CA GLY A 221 -12.62 26.71 -28.23
C GLY A 221 -11.17 27.08 -28.42
N LEU A 222 -10.38 26.44 -27.57
CA LEU A 222 -8.95 26.29 -27.71
C LEU A 222 -8.81 24.83 -28.11
N ASP A 223 -7.58 24.35 -28.26
CA ASP A 223 -7.36 22.94 -28.58
C ASP A 223 -8.05 22.06 -27.54
N PRO A 224 -8.50 20.86 -27.95
CA PRO A 224 -9.14 19.92 -27.03
C PRO A 224 -8.16 19.46 -25.96
N SER A 225 -6.86 19.63 -26.25
CA SER A 225 -5.82 19.48 -25.24
C SER A 225 -5.83 20.77 -24.45
N LEU A 226 -4.81 20.99 -23.62
CA LEU A 226 -4.79 22.15 -22.73
C LEU A 226 -5.72 21.91 -21.56
N ILE A 227 -6.38 20.75 -21.59
CA ILE A 227 -7.30 20.35 -20.53
C ILE A 227 -6.65 20.47 -19.16
N SER A 228 -5.34 20.25 -19.11
CA SER A 228 -4.61 20.32 -17.85
C SER A 228 -4.68 21.71 -17.22
N THR A 229 -4.99 22.72 -18.02
CA THR A 229 -5.15 24.08 -17.52
C THR A 229 -6.61 24.44 -17.26
N PHE A 230 -7.49 23.47 -17.51
CA PHE A 230 -8.94 23.70 -17.43
C PHE A 230 -9.52 23.31 -16.06
N ALA A 231 -8.64 22.99 -15.12
CA ALA A 231 -9.05 22.54 -13.80
C ALA A 231 -10.03 23.51 -13.13
N GLY A 232 -11.06 22.96 -12.49
CA GLY A 232 -12.01 23.75 -11.74
C GLY A 232 -12.90 24.61 -12.60
N SER A 233 -13.39 24.05 -13.70
CA SER A 233 -14.29 24.77 -14.59
C SER A 233 -15.76 24.52 -14.24
N THR A 234 -16.00 23.56 -13.35
CA THR A 234 -17.36 23.19 -12.98
C THR A 234 -17.83 23.86 -11.69
N ILE A 235 -16.95 24.63 -11.06
CA ILE A 235 -17.26 25.22 -9.76
C ILE A 235 -18.17 26.45 -9.88
N PRO A 236 -19.27 26.45 -9.10
CA PRO A 236 -20.25 27.54 -9.13
C PRO A 236 -19.65 28.88 -8.72
N ARG A 237 -20.35 29.96 -9.09
CA ARG A 237 -19.87 31.31 -8.81
C ARG A 237 -19.86 31.59 -7.31
N ARG A 238 -20.66 30.84 -6.57
CA ARG A 238 -20.78 31.01 -5.12
C ARG A 238 -19.43 30.99 -4.40
N SER A 239 -18.53 30.12 -4.85
CA SER A 239 -17.26 29.91 -4.17
C SER A 239 -16.46 31.20 -4.00
N GLY A 240 -16.67 32.16 -4.90
CA GLY A 240 -15.97 33.42 -4.84
C GLY A 240 -14.46 33.28 -4.92
N ALA A 241 -13.76 34.17 -4.24
CA ALA A 241 -12.30 34.23 -4.29
C ALA A 241 -11.64 32.92 -3.88
N THR A 242 -12.31 32.17 -3.01
CA THR A 242 -11.78 30.90 -2.54
C THR A 242 -11.91 29.83 -3.63
N GLY A 243 -12.98 29.92 -4.42
CA GLY A 243 -13.22 28.97 -5.49
C GLY A 243 -12.36 29.24 -6.71
N VAL A 244 -12.14 30.52 -7.00
CA VAL A 244 -11.31 30.92 -8.14
C VAL A 244 -9.86 30.54 -7.90
N ALA A 245 -9.53 30.18 -6.66
CA ALA A 245 -8.18 29.80 -6.30
C ALA A 245 -7.80 28.44 -6.90
N ILE A 246 -8.80 27.57 -7.04
CA ILE A 246 -8.57 26.24 -7.59
C ILE A 246 -8.77 26.22 -9.10
N LYS A 247 -9.19 27.34 -9.66
CA LYS A 247 -9.43 27.43 -11.10
C LYS A 247 -8.13 27.45 -11.90
N GLY A 248 -8.08 26.67 -12.96
CA GLY A 248 -6.92 26.63 -13.83
C GLY A 248 -6.84 27.88 -14.69
N GLY A 249 -5.67 28.15 -15.23
CA GLY A 249 -5.48 29.31 -16.08
C GLY A 249 -6.41 29.28 -17.27
N GLY A 250 -6.63 28.08 -17.80
CA GLY A 250 -7.52 27.88 -18.93
C GLY A 250 -8.96 28.19 -18.58
N THR A 251 -9.36 27.85 -17.35
CA THR A 251 -10.72 28.10 -16.90
C THR A 251 -11.04 29.60 -16.94
N LEU A 252 -10.11 30.42 -16.45
CA LEU A 252 -10.29 31.87 -16.46
C LEU A 252 -10.28 32.41 -17.88
N VAL A 253 -9.33 31.92 -18.68
CA VAL A 253 -9.26 32.31 -20.08
C VAL A 253 -10.57 32.01 -20.79
N ALA A 254 -11.17 30.88 -20.47
CA ALA A 254 -12.45 30.49 -21.04
C ALA A 254 -13.54 31.47 -20.62
N GLU A 255 -13.61 31.74 -19.31
CA GLU A 255 -14.60 32.66 -18.79
C GLU A 255 -14.44 34.05 -19.39
N ALA A 256 -13.20 34.52 -19.48
CA ALA A 256 -12.90 35.83 -20.06
C ALA A 256 -13.39 35.90 -21.51
N ILE A 257 -12.96 34.94 -22.31
CA ILE A 257 -13.38 34.87 -23.71
C ILE A 257 -14.90 34.85 -23.81
N ARG A 258 -15.53 34.00 -23.01
CA ARG A 258 -16.99 33.93 -22.97
C ARG A 258 -17.57 35.33 -22.82
N PHE A 259 -17.02 36.10 -21.89
CA PHE A 259 -17.49 37.45 -21.64
C PHE A 259 -17.30 38.34 -22.86
N ILE A 260 -16.06 38.42 -23.35
CA ILE A 260 -15.71 39.26 -24.48
C ILE A 260 -16.62 39.01 -25.67
N GLY A 261 -17.03 37.76 -25.86
CA GLY A 261 -17.91 37.40 -26.95
C GLY A 261 -19.32 37.93 -26.77
N ARG A 262 -19.90 37.70 -25.61
CA ARG A 262 -21.26 38.17 -25.32
C ARG A 262 -21.29 39.69 -25.26
N ALA A 263 -20.12 40.29 -25.00
CA ALA A 263 -20.01 41.73 -24.91
C ALA A 263 -19.99 42.39 -26.29
N MET A 264 -19.59 41.63 -27.31
CA MET A 264 -19.58 42.13 -28.67
C MET A 264 -20.98 42.13 -29.26
N ALA A 265 -21.81 41.20 -28.81
CA ALA A 265 -23.21 41.15 -29.22
C ALA A 265 -23.97 42.27 -28.52
N ASP A 266 -24.06 42.17 -27.20
CA ASP A 266 -24.62 43.25 -26.39
C ASP A 266 -23.48 43.99 -25.71
N ARG A 267 -23.23 45.21 -26.16
CA ARG A 267 -22.08 45.98 -25.67
C ARG A 267 -22.42 46.73 -24.38
N GLY A 268 -23.65 46.54 -23.91
CA GLY A 268 -24.09 47.18 -22.67
C GLY A 268 -23.54 46.50 -21.43
N LEU A 269 -22.77 45.43 -21.63
CA LEU A 269 -22.17 44.71 -20.51
C LEU A 269 -21.01 45.51 -19.91
N LEU A 270 -20.33 46.27 -20.76
CA LEU A 270 -19.22 47.12 -20.32
C LEU A 270 -19.74 48.30 -19.53
N ARG A 271 -20.97 48.72 -19.83
CA ARG A 271 -21.58 49.87 -19.19
C ARG A 271 -22.28 49.46 -17.89
N ASP A 272 -22.21 48.17 -17.58
CA ASP A 272 -22.92 47.62 -16.42
C ASP A 272 -22.22 47.92 -15.10
N ILE A 273 -20.90 47.98 -15.14
CA ILE A 273 -20.08 48.27 -13.95
C ILE A 273 -20.12 47.13 -12.93
N LYS A 274 -21.06 46.22 -13.12
CA LYS A 274 -21.17 45.05 -12.25
C LYS A 274 -20.45 43.89 -12.91
N ALA A 275 -20.95 43.47 -14.07
CA ALA A 275 -20.29 42.45 -14.86
C ALA A 275 -18.96 42.99 -15.39
N LYS A 276 -18.85 44.32 -15.42
CA LYS A 276 -17.63 44.97 -15.86
C LYS A 276 -16.47 44.71 -14.90
N THR A 277 -16.73 44.88 -13.61
CA THR A 277 -15.73 44.60 -12.59
C THR A 277 -15.44 43.10 -12.52
N ALA A 278 -16.49 42.30 -12.65
CA ALA A 278 -16.35 40.85 -12.68
C ALA A 278 -15.40 40.44 -13.79
N TYR A 279 -15.54 41.09 -14.95
CA TYR A 279 -14.66 40.83 -16.09
C TYR A 279 -13.24 41.26 -15.77
N GLU A 280 -13.08 42.51 -15.32
CA GLU A 280 -11.76 43.03 -14.98
C GLU A 280 -11.06 42.18 -13.93
N LYS A 281 -11.84 41.58 -13.03
CA LYS A 281 -11.29 40.77 -11.96
C LYS A 281 -10.78 39.43 -12.51
N ILE A 282 -11.47 38.90 -13.51
CA ILE A 282 -11.00 37.68 -14.17
C ILE A 282 -9.59 37.90 -14.71
N LEU A 283 -9.38 39.04 -15.36
CA LEU A 283 -8.08 39.39 -15.91
C LEU A 283 -7.05 39.60 -14.80
N LEU A 284 -7.49 40.09 -13.65
CA LEU A 284 -6.60 40.31 -12.52
C LEU A 284 -6.35 39.04 -11.73
N ASN A 285 -7.27 38.08 -11.85
CA ASN A 285 -7.10 36.77 -11.24
C ASN A 285 -6.05 36.02 -12.03
N LEU A 286 -6.35 35.82 -13.31
CA LEU A 286 -5.32 35.41 -14.25
C LEU A 286 -4.22 36.46 -14.17
N LYS A 287 -2.98 36.03 -14.41
CA LYS A 287 -1.80 36.88 -14.21
C LYS A 287 -1.41 36.96 -12.74
N ASN A 288 -2.34 36.62 -11.85
CA ASN A 288 -1.97 36.34 -10.47
C ASN A 288 -1.48 34.91 -10.43
N LYS A 289 -2.15 34.06 -11.20
CA LYS A 289 -1.77 32.66 -11.32
C LYS A 289 -0.57 32.52 -12.24
N CYS A 290 -0.51 33.38 -13.25
CA CYS A 290 0.60 33.34 -14.21
C CYS A 290 1.92 33.71 -13.55
N SER A 291 2.92 32.87 -13.76
CA SER A 291 4.25 33.09 -13.20
C SER A 291 5.14 33.87 -14.16
N ALA A 292 5.39 33.29 -15.33
CA ALA A 292 6.26 33.92 -16.33
C ALA A 292 5.84 35.34 -16.66
N PRO A 293 6.82 36.26 -16.71
CA PRO A 293 6.61 37.67 -17.03
C PRO A 293 5.95 37.85 -18.39
N GLN A 294 6.39 37.11 -19.39
CA GLN A 294 5.82 37.19 -20.73
C GLN A 294 4.32 36.90 -20.70
N GLN A 295 3.90 36.06 -19.76
CA GLN A 295 2.48 35.74 -19.59
C GLN A 295 1.75 36.87 -18.89
N LYS A 296 2.46 37.61 -18.04
CA LYS A 296 1.89 38.78 -17.38
C LYS A 296 1.74 39.93 -18.36
N ALA A 297 2.79 40.16 -19.15
CA ALA A 297 2.78 41.21 -20.15
C ALA A 297 1.54 41.09 -21.06
N LEU A 298 1.31 39.89 -21.56
CA LEU A 298 0.18 39.64 -22.45
C LEU A 298 -1.14 40.06 -21.81
N VAL A 299 -1.50 39.39 -20.72
CA VAL A 299 -2.74 39.70 -20.01
C VAL A 299 -2.83 41.18 -19.67
N ASP A 300 -1.70 41.80 -19.36
CA ASP A 300 -1.65 43.24 -19.11
C ASP A 300 -2.15 44.01 -20.33
N GLN A 301 -1.64 43.65 -21.50
CA GLN A 301 -2.08 44.24 -22.75
C GLN A 301 -3.59 44.08 -22.92
N VAL A 302 -4.10 42.90 -22.57
CA VAL A 302 -5.53 42.64 -22.66
C VAL A 302 -6.31 43.59 -21.76
N ILE A 303 -5.70 43.96 -20.64
CA ILE A 303 -6.30 44.91 -19.71
C ILE A 303 -6.25 46.33 -20.28
N GLY A 304 -5.16 46.63 -20.98
CA GLY A 304 -4.94 47.96 -21.53
C GLY A 304 -5.96 48.40 -22.56
N SER A 305 -6.78 47.46 -23.03
CA SER A 305 -7.79 47.77 -24.03
C SER A 305 -9.12 48.08 -23.37
N ARG A 306 -9.57 49.34 -23.51
CA ARG A 306 -10.83 49.76 -22.93
C ARG A 306 -12.00 49.08 -23.64
N ASN A 307 -11.85 48.93 -24.96
CA ASN A 307 -12.86 48.21 -25.75
C ASN A 307 -12.37 46.81 -26.13
N PRO A 308 -12.94 45.79 -25.49
CA PRO A 308 -12.61 44.39 -25.78
C PRO A 308 -13.01 44.00 -27.19
N GLY A 309 -12.21 43.15 -27.83
CA GLY A 309 -12.48 42.73 -29.19
C GLY A 309 -11.83 41.39 -29.49
N ILE A 310 -11.93 40.95 -30.74
CA ILE A 310 -11.35 39.68 -31.15
C ILE A 310 -9.83 39.67 -30.97
N ALA A 311 -9.22 40.83 -31.18
CA ALA A 311 -7.77 40.97 -31.03
C ALA A 311 -7.32 40.51 -29.66
N ASP A 312 -8.19 40.66 -28.67
CA ASP A 312 -7.88 40.23 -27.31
C ASP A 312 -8.03 38.71 -27.18
N ILE A 313 -9.08 38.17 -27.80
CA ILE A 313 -9.31 36.74 -27.80
C ILE A 313 -8.09 36.00 -28.35
N GLU A 314 -7.49 36.56 -29.39
CA GLU A 314 -6.28 35.98 -29.95
C GLU A 314 -5.16 35.94 -28.93
N ASP A 315 -5.01 37.02 -28.18
CA ASP A 315 -3.98 37.10 -27.15
C ASP A 315 -4.22 36.09 -26.04
N LEU A 316 -5.47 35.95 -25.63
CA LEU A 316 -5.84 35.03 -24.56
C LEU A 316 -5.70 33.58 -24.99
N THR A 317 -6.01 33.28 -26.24
CA THR A 317 -5.84 31.94 -26.77
C THR A 317 -4.37 31.57 -26.77
N LEU A 318 -3.53 32.49 -27.23
CA LEU A 318 -2.09 32.26 -27.26
C LEU A 318 -1.56 32.16 -25.84
N LEU A 319 -2.22 32.83 -24.90
CA LEU A 319 -1.85 32.74 -23.50
C LEU A 319 -2.19 31.37 -22.93
N ALA A 320 -3.41 30.92 -23.19
CA ALA A 320 -3.88 29.62 -22.72
C ALA A 320 -2.91 28.51 -23.10
N ARG A 321 -2.39 28.59 -24.32
CA ARG A 321 -1.48 27.60 -24.84
C ARG A 321 -0.11 27.67 -24.16
N SER A 322 0.33 28.90 -23.86
CA SER A 322 1.62 29.09 -23.20
C SER A 322 1.59 28.62 -21.75
N MET A 323 0.38 28.42 -21.22
CA MET A 323 0.22 27.97 -19.85
C MET A 323 0.49 26.47 -19.72
N VAL A 324 0.57 25.79 -20.86
CA VAL A 324 0.95 24.39 -20.89
C VAL A 324 2.46 24.23 -20.75
N VAL A 325 3.20 25.12 -21.41
CA VAL A 325 4.66 25.13 -21.31
C VAL A 325 5.06 25.68 -19.95
N VAL A 326 4.53 26.85 -19.61
CA VAL A 326 4.72 27.43 -18.29
C VAL A 326 3.36 27.46 -17.57
N ARG A 327 3.22 26.62 -16.56
CA ARG A 327 1.95 26.42 -15.88
C ARG A 327 1.69 27.47 -14.81
N PRO A 328 0.45 27.96 -14.73
CA PRO A 328 0.06 28.96 -13.72
C PRO A 328 -0.04 28.33 -12.34
N SER A 329 -0.41 29.13 -11.34
CA SER A 329 -0.49 28.65 -9.96
C SER A 329 -1.93 28.39 -9.56
N VAL A 330 -2.27 27.12 -9.40
CA VAL A 330 -3.60 26.72 -8.98
C VAL A 330 -3.55 26.05 -7.61
N ALA A 331 -4.50 26.41 -6.74
CA ALA A 331 -4.52 25.83 -5.40
C ALA A 331 -4.91 24.36 -5.46
N SER A 332 -4.08 23.51 -4.90
CA SER A 332 -4.35 22.07 -4.84
C SER A 332 -4.61 21.66 -3.40
N LYS A 333 -5.83 21.27 -3.11
CA LYS A 333 -6.23 20.94 -1.74
C LYS A 333 -6.85 19.54 -1.63
N VAL A 334 -6.74 18.94 -0.45
CA VAL A 334 -7.38 17.65 -0.19
C VAL A 334 -8.76 17.87 0.40
N VAL A 335 -9.78 17.46 -0.35
CA VAL A 335 -11.15 17.54 0.14
C VAL A 335 -11.80 16.16 0.10
N LEU A 336 -12.28 15.72 1.25
CA LEU A 336 -12.85 14.38 1.38
C LEU A 336 -14.35 14.46 1.64
N PRO A 337 -15.09 13.41 1.26
CA PRO A 337 -16.52 13.38 1.55
C PRO A 337 -16.76 13.49 3.05
N ILE A 338 -17.79 14.25 3.44
CA ILE A 338 -18.05 14.50 4.85
C ILE A 338 -18.34 13.23 5.64
N SER A 339 -18.59 12.14 4.93
CA SER A 339 -18.77 10.84 5.57
C SER A 339 -17.52 10.47 6.35
N ILE A 340 -16.36 10.86 5.82
CA ILE A 340 -15.10 10.62 6.49
C ILE A 340 -14.86 11.63 7.61
N TYR A 341 -15.23 12.88 7.36
CA TYR A 341 -15.11 13.92 8.38
C TYR A 341 -15.91 13.54 9.62
N ALA A 342 -17.03 12.86 9.39
CA ALA A 342 -17.90 12.44 10.49
C ALA A 342 -17.21 11.44 11.41
N LYS A 343 -16.21 10.75 10.89
CA LYS A 343 -15.50 9.72 11.64
C LYS A 343 -14.26 10.24 12.36
N ILE A 344 -14.00 11.54 12.23
CA ILE A 344 -12.83 12.15 12.86
C ILE A 344 -12.77 11.85 14.36
N PRO A 345 -13.89 12.03 15.09
CA PRO A 345 -13.91 11.66 16.51
C PRO A 345 -13.72 10.17 16.72
N GLN A 346 -14.32 9.35 15.87
CA GLN A 346 -14.29 7.89 16.05
C GLN A 346 -12.94 7.25 15.72
N LEU A 347 -12.14 7.91 14.89
CA LEU A 347 -10.77 7.47 14.70
C LEU A 347 -10.07 7.65 16.02
N GLY A 348 -10.43 8.73 16.71
CA GLY A 348 -10.15 8.89 18.13
C GLY A 348 -8.77 9.39 18.51
N PHE A 349 -7.81 9.28 17.60
CA PHE A 349 -6.47 9.78 17.89
C PHE A 349 -6.21 11.09 17.18
N ASN A 350 -6.23 12.18 17.93
CA ASN A 350 -5.96 13.50 17.39
C ASN A 350 -5.54 14.51 18.45
N VAL A 351 -4.85 15.55 18.00
CA VAL A 351 -4.77 16.79 18.74
C VAL A 351 -5.83 17.64 18.05
N GLU A 352 -5.97 18.91 18.42
CA GLU A 352 -6.94 19.73 17.71
C GLU A 352 -6.23 20.63 16.70
N GLU A 353 -6.34 20.25 15.43
CA GLU A 353 -5.81 21.03 14.32
C GLU A 353 -5.99 20.22 13.04
N TYR A 354 -5.96 20.89 11.89
CA TYR A 354 -6.11 20.20 10.62
C TYR A 354 -5.47 20.97 9.48
N SER A 355 -4.95 20.26 8.49
CA SER A 355 -4.41 20.89 7.29
C SER A 355 -4.84 20.13 6.04
N MET A 356 -5.57 20.82 5.17
CA MET A 356 -5.99 20.23 3.89
C MET A 356 -4.89 20.43 2.87
N VAL A 357 -3.92 21.25 3.23
CA VAL A 357 -2.74 21.51 2.40
C VAL A 357 -1.55 20.67 2.85
N GLY A 358 -1.77 19.81 3.86
CA GLY A 358 -0.66 19.18 4.55
C GLY A 358 -0.98 17.85 5.22
N TYR A 359 -0.02 17.39 6.03
CA TYR A 359 -0.05 16.05 6.61
C TYR A 359 -1.38 15.63 7.25
N GLU A 360 -1.99 16.54 8.00
CA GLU A 360 -3.21 16.21 8.73
C GLU A 360 -4.25 15.53 7.85
N ALA A 361 -4.47 16.08 6.67
CA ALA A 361 -5.41 15.50 5.71
C ALA A 361 -4.87 14.19 5.15
N MET A 362 -3.57 14.14 4.93
CA MET A 362 -2.91 12.94 4.41
C MET A 362 -3.17 11.75 5.32
N ALA A 363 -2.90 11.93 6.60
CA ALA A 363 -3.11 10.87 7.59
C ALA A 363 -4.58 10.48 7.69
N LEU A 364 -5.46 11.48 7.55
CA LEU A 364 -6.89 11.25 7.64
C LEU A 364 -7.40 10.38 6.49
N TYR A 365 -6.89 10.61 5.30
CA TYR A 365 -7.29 9.83 4.13
C TYR A 365 -7.02 8.34 4.35
N ASN A 366 -5.81 8.01 4.76
CA ASN A 366 -5.44 6.62 4.98
C ASN A 366 -6.21 5.95 6.10
N MET A 367 -6.28 6.61 7.26
CA MET A 367 -6.94 6.03 8.42
C MET A 367 -8.44 5.88 8.22
N ALA A 368 -8.96 6.46 7.14
CA ALA A 368 -10.39 6.38 6.85
C ALA A 368 -10.77 5.02 6.28
N THR A 369 -12.07 4.82 6.06
CA THR A 369 -12.56 3.57 5.49
C THR A 369 -13.73 3.83 4.54
N PRO A 370 -13.48 4.54 3.44
CA PRO A 370 -14.52 4.90 2.47
C PRO A 370 -14.96 3.69 1.66
N VAL A 371 -16.25 3.58 1.38
CA VAL A 371 -16.76 2.52 0.52
C VAL A 371 -17.74 3.08 -0.51
N SER A 372 -17.57 2.67 -1.77
CA SER A 372 -18.37 3.22 -2.86
C SER A 372 -19.22 2.16 -3.56
N ILE A 373 -20.30 2.61 -4.20
CA ILE A 373 -21.16 1.73 -4.97
C ILE A 373 -20.47 1.37 -6.29
N LEU A 374 -20.81 0.21 -6.84
CA LEU A 374 -20.22 -0.24 -8.09
C LEU A 374 -21.28 -0.65 -9.11
N ARG A 375 -21.21 -0.04 -10.30
CA ARG A 375 -22.10 -0.42 -11.39
C ARG A 375 -21.52 -1.64 -12.11
N MET A 376 -22.11 -1.97 -13.25
CA MET A 376 -21.59 -3.05 -14.09
C MET A 376 -20.19 -2.71 -14.56
N GLY A 377 -19.37 -3.72 -14.81
CA GLY A 377 -17.96 -3.50 -15.04
C GLY A 377 -17.36 -3.01 -13.73
N ASP A 378 -16.76 -1.83 -13.76
CA ASP A 378 -16.32 -1.18 -12.53
C ASP A 378 -15.31 -2.01 -11.74
N ASP A 379 -14.09 -2.10 -12.26
CA ASP A 379 -13.01 -2.72 -11.51
C ASP A 379 -12.78 -1.94 -10.21
N ALA A 380 -12.83 -2.65 -9.09
CA ALA A 380 -12.73 -2.01 -7.79
C ALA A 380 -11.41 -1.29 -7.59
N LYS A 381 -10.35 -1.82 -8.20
CA LYS A 381 -9.03 -1.21 -8.09
C LYS A 381 -9.01 0.15 -8.79
N ASP A 382 -9.47 0.18 -10.04
CA ASP A 382 -9.53 1.41 -10.80
C ASP A 382 -10.50 2.39 -10.15
N LYS A 383 -11.61 1.88 -9.65
CA LYS A 383 -12.60 2.70 -8.97
C LYS A 383 -11.95 3.46 -7.84
N SER A 384 -11.07 2.77 -7.11
CA SER A 384 -10.34 3.37 -6.00
C SER A 384 -9.41 4.47 -6.50
N GLN A 385 -8.85 4.27 -7.69
CA GLN A 385 -7.94 5.24 -8.27
C GLN A 385 -8.65 6.56 -8.53
N LEU A 386 -9.85 6.50 -9.10
CA LEU A 386 -10.65 7.69 -9.34
C LEU A 386 -10.89 8.44 -8.04
N PHE A 387 -11.28 7.71 -7.00
CA PHE A 387 -11.56 8.31 -5.71
C PHE A 387 -10.34 9.00 -5.12
N PHE A 388 -9.19 8.32 -5.16
CA PHE A 388 -7.95 8.91 -4.67
C PHE A 388 -7.68 10.23 -5.40
N MET A 389 -7.61 10.15 -6.72
CA MET A 389 -7.36 11.33 -7.54
C MET A 389 -8.36 12.43 -7.23
N SER A 390 -9.62 12.05 -7.05
CA SER A 390 -10.66 12.99 -6.67
C SER A 390 -10.26 13.74 -5.41
N CYS A 391 -10.13 13.01 -4.31
CA CYS A 391 -9.81 13.60 -3.02
C CYS A 391 -8.61 14.54 -3.08
N PHE A 392 -7.60 14.16 -3.85
CA PHE A 392 -6.37 14.94 -3.95
C PHE A 392 -6.35 15.90 -5.14
N GLY A 393 -7.45 15.97 -5.87
CA GLY A 393 -7.52 16.83 -7.05
C GLY A 393 -6.32 16.59 -7.95
N ALA A 394 -5.98 15.32 -8.13
CA ALA A 394 -4.77 14.93 -8.84
C ALA A 394 -4.99 14.67 -10.33
N ALA A 395 -6.18 14.98 -10.83
CA ALA A 395 -6.55 14.67 -12.20
C ALA A 395 -5.45 15.01 -13.20
N TYR A 396 -4.88 16.20 -13.07
CA TYR A 396 -3.86 16.66 -14.02
C TYR A 396 -2.43 16.42 -13.53
N GLU A 397 -2.29 15.81 -12.36
CA GLU A 397 -0.98 15.50 -11.81
C GLU A 397 -0.34 14.34 -12.56
N ASP A 398 0.99 14.22 -12.46
CA ASP A 398 1.71 13.15 -13.13
C ASP A 398 1.39 11.81 -12.49
N LEU A 399 0.93 10.86 -13.29
CA LEU A 399 0.59 9.53 -12.80
C LEU A 399 1.79 8.86 -12.16
N ARG A 400 2.99 9.22 -12.62
CA ARG A 400 4.21 8.66 -12.08
C ARG A 400 4.43 9.11 -10.64
N VAL A 401 4.16 10.38 -10.38
CA VAL A 401 4.31 10.93 -9.03
C VAL A 401 3.33 10.29 -8.06
N LEU A 402 2.10 10.09 -8.50
CA LEU A 402 1.08 9.42 -7.69
C LEU A 402 1.52 7.98 -7.38
N SER A 403 1.88 7.24 -8.43
CA SER A 403 2.24 5.84 -8.29
C SER A 403 3.39 5.62 -7.30
N ALA A 404 4.28 6.61 -7.20
CA ALA A 404 5.41 6.51 -6.28
C ALA A 404 4.95 6.64 -4.83
N LEU A 405 4.04 7.58 -4.59
CA LEU A 405 3.52 7.84 -3.24
C LEU A 405 2.65 6.69 -2.74
N THR A 406 1.76 6.21 -3.60
CA THR A 406 0.83 5.15 -3.23
C THR A 406 1.44 3.77 -3.41
N GLY A 407 2.57 3.72 -4.13
CA GLY A 407 3.25 2.46 -4.37
C GLY A 407 2.50 1.55 -5.31
N THR A 408 1.39 2.04 -5.86
CA THR A 408 0.59 1.26 -6.79
C THR A 408 0.56 1.92 -8.17
N GLU A 409 0.29 1.13 -9.20
CA GLU A 409 0.31 1.62 -10.57
C GLU A 409 -0.97 2.37 -10.94
N PHE A 410 -0.81 3.62 -11.34
CA PHE A 410 -1.93 4.42 -11.84
C PHE A 410 -2.04 4.30 -13.35
N LYS A 411 -3.27 4.18 -13.84
CA LYS A 411 -3.50 4.01 -15.28
C LYS A 411 -4.25 5.20 -15.86
N PRO A 412 -3.97 5.52 -17.12
CA PRO A 412 -4.71 6.58 -17.83
C PRO A 412 -6.20 6.25 -17.87
N ARG A 413 -7.03 7.27 -18.07
CA ARG A 413 -8.48 7.07 -18.08
C ARG A 413 -8.89 5.99 -19.08
N SER A 414 -8.18 5.93 -20.21
CA SER A 414 -8.47 4.92 -21.22
C SER A 414 -8.31 3.52 -20.65
N ALA A 415 -7.22 3.29 -19.93
CA ALA A 415 -6.93 1.99 -19.35
C ALA A 415 -7.89 1.65 -18.23
N LEU A 416 -8.24 2.65 -17.42
CA LEU A 416 -9.15 2.45 -16.30
C LEU A 416 -10.49 1.90 -16.76
N LYS A 417 -10.92 0.79 -16.17
CA LYS A 417 -12.25 0.27 -16.47
C LYS A 417 -13.18 0.51 -15.28
N CYS A 418 -14.06 1.50 -15.44
CA CYS A 418 -15.05 1.84 -14.44
C CYS A 418 -15.78 3.11 -14.87
N LYS A 419 -16.95 3.37 -14.28
CA LYS A 419 -17.69 4.59 -14.57
C LYS A 419 -17.64 5.59 -13.41
N GLY A 420 -18.34 6.71 -13.58
CA GLY A 420 -18.38 7.74 -12.55
C GLY A 420 -18.98 7.26 -11.25
N PHE A 421 -18.77 8.04 -10.19
CA PHE A 421 -19.26 7.68 -8.86
C PHE A 421 -20.78 7.81 -8.77
N HIS A 422 -21.34 8.81 -9.44
CA HIS A 422 -22.78 9.00 -9.44
C HIS A 422 -23.48 7.95 -10.28
N VAL A 423 -24.44 7.25 -9.68
CA VAL A 423 -25.17 6.21 -10.39
C VAL A 423 -26.45 6.80 -10.99
N PRO A 424 -26.48 6.92 -12.32
CA PRO A 424 -27.60 7.52 -13.05
C PRO A 424 -28.91 6.77 -12.83
N ALA A 425 -30.02 7.50 -12.91
CA ALA A 425 -31.34 6.91 -12.72
C ALA A 425 -31.53 5.69 -13.62
N LYS A 426 -31.04 5.79 -14.85
CA LYS A 426 -31.19 4.73 -15.83
C LYS A 426 -30.77 3.37 -15.25
N GLU A 427 -29.63 3.33 -14.57
CA GLU A 427 -29.28 2.11 -13.84
C GLU A 427 -29.28 2.36 -12.34
N GLN A 428 -30.33 1.89 -11.68
CA GLN A 428 -30.38 1.78 -10.23
C GLN A 428 -31.16 0.52 -9.89
N VAL A 429 -30.56 -0.39 -9.13
CA VAL A 429 -31.25 -1.62 -8.79
C VAL A 429 -31.13 -1.94 -7.31
N GLU A 430 -31.78 -3.00 -6.89
CA GLU A 430 -31.72 -3.41 -5.50
C GLU A 430 -30.57 -4.38 -5.28
N GLY A 431 -29.77 -4.13 -4.25
CA GLY A 431 -28.67 -4.99 -3.90
C GLY A 431 -27.49 -4.93 -4.86
N MET A 432 -27.17 -3.74 -5.33
CA MET A 432 -26.01 -3.55 -6.19
C MET A 432 -24.73 -3.50 -5.35
N GLY A 433 -23.64 -4.01 -5.92
CA GLY A 433 -22.40 -4.20 -5.19
C GLY A 433 -21.66 -2.93 -4.81
N ALA A 434 -20.84 -3.03 -3.77
CA ALA A 434 -20.04 -1.90 -3.30
C ALA A 434 -18.65 -2.39 -2.86
N ALA A 435 -17.70 -1.47 -2.79
CA ALA A 435 -16.34 -1.80 -2.40
C ALA A 435 -15.62 -0.60 -1.78
N LEU A 436 -14.65 -0.88 -0.92
CA LEU A 436 -13.84 0.19 -0.33
C LEU A 436 -13.00 0.84 -1.41
N MET A 437 -12.54 2.06 -1.14
CA MET A 437 -11.55 2.68 -2.01
C MET A 437 -10.20 2.34 -1.41
N SER A 438 -9.46 1.48 -2.12
CA SER A 438 -8.36 0.73 -1.52
C SER A 438 -6.96 1.32 -1.67
N ILE A 439 -6.85 2.45 -2.36
CA ILE A 439 -5.52 3.00 -2.61
C ILE A 439 -5.11 3.97 -1.52
N LYS A 440 -4.11 3.58 -0.75
CA LYS A 440 -3.63 4.39 0.36
C LYS A 440 -2.30 5.06 0.03
N LEU A 441 -1.79 5.85 0.97
CA LEU A 441 -0.52 6.52 0.80
C LEU A 441 0.56 5.80 1.57
N GLN A 442 1.50 5.19 0.85
CA GLN A 442 2.69 4.65 1.49
C GLN A 442 3.59 5.82 1.83
N PHE A 443 3.50 6.86 1.01
CA PHE A 443 4.29 8.07 1.22
C PHE A 443 3.40 9.31 1.12
N TRP A 444 4.00 10.48 1.35
CA TRP A 444 3.27 11.73 1.26
C TRP A 444 4.19 12.91 1.00
N ALA A 445 3.63 13.98 0.47
CA ALA A 445 4.34 15.24 0.29
C ALA A 445 3.37 16.38 0.49
N PRO A 446 3.84 17.51 1.01
CA PRO A 446 2.92 18.64 1.17
C PRO A 446 2.50 19.15 -0.20
N MET A 447 1.21 19.33 -0.42
CA MET A 447 0.74 19.91 -1.67
C MET A 447 0.87 21.42 -1.55
N THR A 448 1.42 22.05 -2.58
CA THR A 448 1.71 23.47 -2.47
C THR A 448 1.09 24.30 -3.59
N ARG A 449 0.05 25.07 -3.27
CA ARG A 449 -0.37 26.19 -4.11
C ARG A 449 -0.19 25.80 -5.56
N SER A 450 0.43 26.69 -6.33
CA SER A 450 1.24 26.28 -7.47
C SER A 450 0.64 25.09 -8.24
N GLY A 451 -0.47 25.33 -8.95
CA GLY A 451 -1.08 24.29 -9.73
C GLY A 451 -0.02 23.62 -10.58
N GLY A 452 1.03 24.38 -10.89
CA GLY A 452 2.18 23.85 -11.58
C GLY A 452 3.44 24.61 -11.25
N ASN A 453 4.59 23.94 -11.40
CA ASN A 453 5.88 24.58 -11.16
C ASN A 453 6.95 24.09 -12.14
N GLU A 454 7.68 25.04 -12.73
CA GLU A 454 8.84 24.70 -13.53
C GLU A 454 10.06 25.28 -12.85
N VAL A 455 10.88 24.42 -12.25
CA VAL A 455 12.07 24.87 -11.53
C VAL A 455 13.31 24.56 -12.35
N GLY A 456 14.48 24.87 -11.80
CA GLY A 456 15.71 24.78 -12.58
C GLY A 456 15.75 25.96 -13.52
N GLY A 457 14.86 26.92 -13.28
CA GLY A 457 14.80 28.13 -14.07
C GLY A 457 16.16 28.80 -14.13
N ASP A 458 16.43 29.46 -15.24
CA ASP A 458 17.76 30.00 -15.48
C ASP A 458 18.26 30.84 -14.30
N GLY A 459 19.47 30.53 -13.83
CA GLY A 459 20.08 31.32 -12.77
C GLY A 459 20.33 32.70 -13.30
N GLY A 460 19.79 33.71 -12.63
CA GLY A 460 19.88 35.07 -13.12
C GLY A 460 19.71 36.11 -12.03
N SER A 461 19.67 37.38 -12.44
CA SER A 461 19.59 38.51 -11.53
C SER A 461 20.88 38.63 -10.71
N GLY A 462 21.73 37.61 -10.80
CA GLY A 462 23.06 37.65 -10.26
C GLY A 462 24.06 37.75 -11.39
N GLN A 463 25.34 37.58 -11.11
CA GLN A 463 26.35 37.66 -12.16
C GLN A 463 26.14 36.52 -13.14
N ILE A 464 25.92 36.85 -14.41
CA ILE A 464 25.68 35.85 -15.43
C ILE A 464 26.89 35.52 -16.30
N SER A 465 27.99 36.23 -16.09
CA SER A 465 29.17 36.08 -16.92
C SER A 465 30.43 36.60 -16.23
N CYS A 466 31.57 36.47 -16.89
CA CYS A 466 32.84 36.89 -16.31
C CYS A 466 33.57 37.91 -17.17
N SER A 467 34.34 38.78 -16.51
CA SER A 467 35.22 39.71 -17.20
C SER A 467 36.67 39.37 -16.86
N PRO A 468 37.40 38.82 -17.85
CA PRO A 468 38.77 38.33 -17.67
C PRO A 468 39.73 39.40 -17.16
N VAL A 469 40.54 39.04 -16.16
CA VAL A 469 41.61 39.88 -15.66
C VAL A 469 42.97 39.25 -15.99
N PHE A 470 43.22 38.07 -15.45
CA PHE A 470 44.40 37.30 -15.81
C PHE A 470 44.24 36.71 -17.21
N ALA A 471 45.34 36.58 -17.94
CA ALA A 471 45.29 35.97 -19.25
C ALA A 471 45.78 34.54 -19.18
N VAL A 472 44.83 33.60 -19.25
CA VAL A 472 45.14 32.18 -19.22
C VAL A 472 44.00 31.41 -19.88
N GLU A 473 44.31 30.23 -20.42
CA GLU A 473 43.29 29.41 -21.07
C GLU A 473 42.21 29.00 -20.07
N ARG A 474 40.96 28.95 -20.51
CA ARG A 474 39.85 28.64 -19.62
C ARG A 474 38.51 28.56 -20.34
N PRO A 475 37.59 27.73 -19.80
CA PRO A 475 36.30 27.34 -20.40
C PRO A 475 35.37 28.50 -20.80
N ILE A 476 35.59 29.70 -20.29
CA ILE A 476 34.68 30.81 -20.54
C ILE A 476 33.28 30.56 -19.99
N ALA A 477 33.16 30.57 -18.67
CA ALA A 477 31.87 30.37 -18.00
C ALA A 477 30.83 31.39 -18.46
N LEU A 478 29.65 30.88 -18.86
CA LEU A 478 28.53 31.72 -19.24
C LEU A 478 27.22 30.98 -19.07
N SER A 479 26.12 31.72 -18.90
CA SER A 479 24.81 31.11 -18.75
C SER A 479 23.91 31.44 -19.93
N LYS A 480 23.62 30.43 -20.74
CA LYS A 480 22.85 30.62 -21.96
C LYS A 480 21.37 30.88 -21.69
N GLN A 481 20.76 30.04 -20.87
CA GLN A 481 19.33 30.13 -20.61
C GLN A 481 18.96 31.50 -20.00
N ALA A 482 19.95 32.18 -19.45
CA ALA A 482 19.72 33.45 -18.78
C ALA A 482 19.57 34.64 -19.74
N VAL A 483 20.39 34.65 -20.80
CA VAL A 483 20.35 35.76 -21.75
C VAL A 483 19.07 35.72 -22.60
N ARG A 484 18.57 34.52 -22.85
CA ARG A 484 17.30 34.37 -23.57
C ARG A 484 16.15 34.92 -22.73
N ARG A 485 16.42 35.13 -21.44
CA ARG A 485 15.44 35.71 -20.54
C ARG A 485 15.38 37.22 -20.74
N MET A 486 16.54 37.84 -20.91
CA MET A 486 16.63 39.29 -21.09
C MET A 486 16.05 39.70 -22.44
N LEU A 487 16.52 39.06 -23.50
CA LEU A 487 16.05 39.38 -24.84
C LEU A 487 14.55 39.18 -24.96
N SER A 488 14.05 38.14 -24.31
CA SER A 488 12.62 37.82 -24.37
C SER A 488 11.77 38.72 -23.50
N MET A 489 12.28 39.11 -22.34
CA MET A 489 11.43 39.82 -21.39
C MET A 489 11.76 41.29 -21.15
N ASN A 490 10.97 42.16 -21.77
CA ASN A 490 10.55 43.44 -21.21
C ASN A 490 11.50 44.25 -20.33
N ILE A 491 12.55 44.82 -20.90
CA ILE A 491 13.32 45.79 -20.14
C ILE A 491 12.46 47.05 -20.08
N GLU A 492 12.93 48.11 -19.41
CA GLU A 492 12.07 49.26 -19.22
C GLU A 492 12.23 50.33 -20.30
N GLY A 493 11.23 50.42 -21.18
CA GLY A 493 11.15 51.47 -22.17
C GLY A 493 10.46 50.92 -23.41
N ARG A 494 10.20 51.79 -24.39
CA ARG A 494 9.89 51.37 -25.77
C ARG A 494 8.62 50.52 -25.93
N ASP A 495 8.01 50.14 -24.81
CA ASP A 495 7.00 49.08 -24.82
C ASP A 495 7.58 47.84 -25.50
N ALA A 496 6.77 47.15 -26.31
CA ALA A 496 7.23 45.96 -27.02
C ALA A 496 6.12 45.26 -27.79
N ASP A 497 6.50 44.23 -28.55
CA ASP A 497 5.53 43.31 -29.14
C ASP A 497 5.38 42.11 -28.22
N VAL A 498 4.21 41.98 -27.62
CA VAL A 498 3.99 40.96 -26.60
C VAL A 498 3.89 39.54 -27.16
N LYS A 499 3.04 39.36 -28.16
CA LYS A 499 2.81 38.04 -28.75
C LYS A 499 4.13 37.39 -29.16
N GLY A 500 5.07 38.21 -29.61
CA GLY A 500 6.38 37.73 -30.01
C GLY A 500 7.16 37.13 -28.86
N ASN A 501 7.29 37.90 -27.79
CA ASN A 501 8.05 37.46 -26.62
C ASN A 501 7.38 36.28 -25.92
N LEU A 502 6.06 36.29 -25.87
CA LEU A 502 5.29 35.21 -25.27
C LEU A 502 5.46 33.94 -26.10
N LEU A 503 5.59 34.11 -27.40
CA LEU A 503 5.79 32.98 -28.30
C LEU A 503 7.24 32.49 -28.21
N LYS A 504 8.18 33.43 -28.22
CA LYS A 504 9.60 33.10 -28.13
C LYS A 504 9.91 32.39 -26.82
N MET A 505 9.24 32.79 -25.74
CA MET A 505 9.46 32.17 -24.44
C MET A 505 9.15 30.68 -24.48
N MET A 506 8.18 30.31 -25.32
CA MET A 506 7.78 28.92 -25.45
C MET A 506 8.82 28.10 -26.22
N ASN A 507 9.31 28.64 -27.33
CA ASN A 507 10.32 27.97 -28.13
C ASN A 507 11.63 27.81 -27.37
N ASP A 508 12.04 28.87 -26.68
CA ASP A 508 13.27 28.85 -25.89
C ASP A 508 13.20 27.83 -24.75
N SER A 509 11.98 27.51 -24.33
CA SER A 509 11.79 26.58 -23.23
C SER A 509 12.06 25.14 -23.69
N MET A 510 11.64 24.83 -24.90
CA MET A 510 11.77 23.48 -25.44
C MET A 510 13.10 23.27 -26.16
N ALA A 511 13.82 24.36 -26.38
CA ALA A 511 15.05 24.32 -27.18
C ALA A 511 16.30 24.05 -26.35
N LYS A 512 16.14 23.86 -25.05
CA LYS A 512 17.29 23.60 -24.19
C LYS A 512 17.36 22.11 -23.81
N LYS A 513 18.30 21.41 -24.44
CA LYS A 513 18.54 19.99 -24.13
C LYS A 513 17.21 19.27 -23.97
N THR A 514 17.12 18.45 -22.93
CA THR A 514 15.85 18.02 -22.39
C THR A 514 15.97 18.14 -20.88
N SER A 515 15.17 19.02 -20.29
CA SER A 515 15.25 19.25 -18.84
C SER A 515 13.88 19.24 -18.20
N GLY A 516 13.61 18.25 -17.36
CA GLY A 516 12.35 18.14 -16.67
C GLY A 516 12.40 18.38 -15.18
N ASN A 517 13.56 18.80 -14.66
CA ASN A 517 13.70 18.90 -13.21
C ASN A 517 13.06 20.14 -12.60
N ALA A 518 12.13 19.90 -11.69
CA ALA A 518 11.43 20.96 -10.97
C ALA A 518 11.08 20.45 -9.58
N PHE A 519 10.85 21.36 -8.63
CA PHE A 519 10.54 20.97 -7.27
C PHE A 519 11.78 20.45 -6.56
N ILE A 520 12.90 20.43 -7.27
CA ILE A 520 14.13 19.83 -6.77
C ILE A 520 14.48 20.32 -5.36
N GLY A 521 14.93 19.40 -4.52
CA GLY A 521 15.21 19.69 -3.13
C GLY A 521 14.07 19.20 -2.24
N LYS A 522 12.89 19.04 -2.84
CA LYS A 522 11.74 18.50 -2.13
C LYS A 522 11.71 16.99 -2.24
N LYS A 523 11.61 16.32 -1.09
CA LYS A 523 11.61 14.86 -1.06
C LYS A 523 10.27 14.35 -0.57
N MET A 524 9.92 13.13 -0.98
CA MET A 524 8.70 12.50 -0.52
C MET A 524 8.92 11.93 0.89
N PHE A 525 7.85 11.84 1.65
CA PHE A 525 7.94 11.38 3.03
C PHE A 525 6.96 10.24 3.28
N GLN A 526 6.84 9.85 4.55
CA GLN A 526 6.06 8.67 4.92
C GLN A 526 4.90 9.03 5.82
N ILE A 527 3.77 8.35 5.64
CA ILE A 527 2.56 8.63 6.40
C ILE A 527 2.78 8.52 7.91
N SER A 528 3.81 7.79 8.31
CA SER A 528 4.15 7.67 9.74
C SER A 528 4.97 8.87 10.20
N ASP A 529 5.57 9.57 9.23
CA ASP A 529 6.43 10.70 9.54
C ASP A 529 5.70 12.03 9.49
N LYS A 530 5.64 12.70 10.63
CA LYS A 530 5.19 14.08 10.70
C LYS A 530 6.42 14.93 11.03
N ASN A 531 6.45 16.16 10.53
CA ASN A 531 7.60 17.05 10.72
C ASN A 531 8.69 16.79 9.69
N LYS A 532 8.50 15.76 8.86
CA LYS A 532 9.38 15.51 7.72
C LYS A 532 10.85 15.40 8.13
N THR A 533 11.16 14.54 9.09
CA THR A 533 12.53 14.39 9.57
C THR A 533 13.34 13.38 8.75
N ASN A 534 12.65 12.57 7.95
CA ASN A 534 13.31 11.51 7.19
C ASN A 534 12.96 11.49 5.70
N PRO A 535 13.77 12.16 4.87
CA PRO A 535 13.58 12.23 3.42
C PRO A 535 13.65 10.85 2.75
N VAL A 536 12.77 10.60 1.78
CA VAL A 536 12.81 9.38 0.99
C VAL A 536 13.49 9.65 -0.35
N GLU A 537 14.60 8.94 -0.59
CA GLU A 537 15.54 9.26 -1.66
C GLU A 537 15.43 8.48 -2.98
N ILE A 538 14.44 7.61 -3.15
CA ILE A 538 14.56 6.60 -4.21
C ILE A 538 14.27 7.10 -5.63
N GLN A 539 13.00 7.25 -6.00
CA GLN A 539 12.66 7.77 -7.33
C GLN A 539 11.17 7.66 -7.68
N ILE A 540 10.81 8.22 -8.84
CA ILE A 540 9.50 8.02 -9.45
C ILE A 540 9.62 7.10 -10.67
N LYS A 541 8.60 6.27 -10.89
CA LYS A 541 8.62 5.25 -11.94
C LYS A 541 8.56 5.83 -13.36
N GLN A 542 9.46 5.40 -14.23
CA GLN A 542 9.54 5.95 -15.58
C GLN A 542 8.80 5.14 -16.65
N THR A 543 8.25 4.00 -16.27
CA THR A 543 7.57 3.14 -17.24
C THR A 543 6.09 3.45 -17.39
N ILE A 544 5.56 4.27 -16.49
CA ILE A 544 4.14 4.60 -16.50
C ILE A 544 3.87 5.85 -17.34
N PRO A 545 2.76 5.85 -18.09
CA PRO A 545 2.35 7.05 -18.81
C PRO A 545 2.11 8.18 -17.81
N ASN A 546 2.50 9.41 -18.18
CA ASN A 546 2.38 10.56 -17.28
C ASN A 546 0.97 11.13 -17.22
N PHE A 547 0.28 11.13 -18.35
CA PHE A 547 -0.97 11.86 -18.49
C PHE A 547 -2.21 10.98 -18.29
N PHE A 548 -3.04 11.39 -17.35
CA PHE A 548 -4.28 10.66 -17.05
C PHE A 548 -5.20 10.68 -18.26
N PHE A 549 -5.36 11.84 -18.86
CA PHE A 549 -6.24 12.03 -20.01
C PHE A 549 -5.51 11.90 -21.35
N GLY A 550 -4.22 11.64 -21.30
CA GLY A 550 -3.45 11.44 -22.51
C GLY A 550 -4.03 10.34 -23.39
N ARG A 551 -4.08 10.59 -24.70
CA ARG A 551 -4.65 9.60 -25.62
C ARG A 551 -3.84 9.52 -26.91
N ASP A 552 -4.36 8.74 -27.86
CA ASP A 552 -3.74 8.60 -29.17
C ASP A 552 -2.30 8.11 -29.07
N PRO B 74 14.17 -5.91 26.88
CA PRO B 74 13.75 -4.52 27.11
C PRO B 74 12.54 -4.14 26.27
N THR B 75 12.15 -5.04 25.37
CA THR B 75 11.07 -4.79 24.42
C THR B 75 11.41 -3.57 23.56
N GLU B 76 12.69 -3.22 23.54
CA GLU B 76 13.23 -2.26 22.60
C GLU B 76 13.90 -3.05 21.48
N ILE B 77 13.77 -4.36 21.57
CA ILE B 77 14.45 -5.29 20.66
C ILE B 77 14.22 -4.92 19.19
N LYS B 78 13.09 -4.27 18.91
CA LYS B 78 12.81 -3.80 17.56
C LYS B 78 14.01 -3.04 17.04
N LYS B 79 14.67 -2.32 17.94
CA LYS B 79 15.87 -1.55 17.60
C LYS B 79 17.01 -2.46 17.16
N SER B 80 17.23 -3.54 17.91
CA SER B 80 18.30 -4.47 17.60
C SER B 80 18.06 -5.21 16.29
N VAL B 81 16.87 -5.80 16.16
CA VAL B 81 16.48 -6.49 14.93
C VAL B 81 16.65 -5.56 13.73
N TYR B 82 16.38 -4.28 13.95
CA TYR B 82 16.55 -3.27 12.92
C TYR B 82 17.98 -3.25 12.42
N ASN B 83 18.94 -3.05 13.34
CA ASN B 83 20.34 -3.03 12.98
C ASN B 83 20.78 -4.31 12.28
N MET B 84 20.07 -5.39 12.56
CA MET B 84 20.41 -6.71 12.03
C MET B 84 20.14 -6.78 10.52
N VAL B 85 18.95 -6.35 10.11
CA VAL B 85 18.57 -6.38 8.70
C VAL B 85 19.27 -5.29 7.89
N VAL B 86 19.51 -4.14 8.52
CA VAL B 86 20.18 -3.04 7.84
C VAL B 86 21.61 -3.43 7.48
N LYS B 87 22.33 -4.01 8.44
CA LYS B 87 23.69 -4.48 8.19
C LYS B 87 23.71 -5.53 7.10
N LEU B 88 22.72 -6.41 7.10
CA LEU B 88 22.57 -7.41 6.05
C LEU B 88 22.49 -6.74 4.68
N GLY B 89 21.65 -5.73 4.58
CA GLY B 89 21.49 -4.97 3.36
C GLY B 89 22.77 -4.24 2.97
N GLU B 90 23.45 -3.69 3.99
CA GLU B 90 24.71 -2.99 3.77
C GLU B 90 25.73 -3.93 3.14
N PHE B 91 25.69 -5.20 3.57
CA PHE B 91 26.57 -6.22 3.03
C PHE B 91 26.19 -6.52 1.57
N TYR B 92 24.90 -6.62 1.31
CA TYR B 92 24.41 -6.87 -0.04
C TYR B 92 24.90 -5.81 -1.01
N ASN B 93 24.93 -4.56 -0.55
CA ASN B 93 25.38 -3.46 -1.39
C ASN B 93 26.83 -3.59 -1.80
N GLN B 94 27.71 -3.75 -0.81
CA GLN B 94 29.15 -3.87 -1.08
C GLN B 94 29.47 -5.17 -1.82
N MET B 95 28.61 -6.16 -1.68
CA MET B 95 28.77 -7.41 -2.39
C MET B 95 28.45 -7.20 -3.87
N MET B 96 27.36 -6.49 -4.13
CA MET B 96 26.97 -6.16 -5.50
C MET B 96 28.01 -5.24 -6.16
N VAL B 97 28.44 -4.22 -5.41
CA VAL B 97 29.47 -3.31 -5.89
C VAL B 97 30.72 -4.08 -6.31
N LYS B 98 31.09 -5.07 -5.49
CA LYS B 98 32.23 -5.94 -5.81
C LYS B 98 31.97 -6.68 -7.11
N ALA B 99 30.76 -7.18 -7.28
CA ALA B 99 30.37 -7.89 -8.50
C ALA B 99 30.39 -6.95 -9.70
N GLY B 100 30.39 -5.65 -9.43
CA GLY B 100 30.46 -4.65 -10.48
C GLY B 100 29.10 -4.28 -11.05
N LEU B 101 28.04 -4.75 -10.40
CA LEU B 101 26.69 -4.45 -10.86
C LEU B 101 26.05 -3.36 -10.00
N ASN B 102 25.89 -2.18 -10.58
CA ASN B 102 25.26 -1.08 -9.87
C ASN B 102 24.12 -0.43 -10.65
N ASP B 103 22.90 -0.62 -10.16
CA ASP B 103 21.70 -0.03 -10.75
C ASP B 103 20.50 -0.54 -9.97
N ASP B 104 19.38 0.16 -10.05
CA ASP B 104 18.20 -0.22 -9.28
C ASP B 104 17.55 -1.48 -9.83
N MET B 105 17.61 -1.66 -11.14
CA MET B 105 17.03 -2.84 -11.78
C MET B 105 17.78 -4.10 -11.36
N GLU B 106 19.09 -3.96 -11.20
CA GLU B 106 19.93 -5.08 -10.77
C GLU B 106 19.78 -5.34 -9.28
N ARG B 107 19.87 -4.28 -8.48
CA ARG B 107 19.77 -4.40 -7.02
C ARG B 107 18.41 -4.95 -6.61
N ASN B 108 17.35 -4.31 -7.07
CA ASN B 108 16.00 -4.73 -6.72
C ASN B 108 15.65 -6.13 -7.20
N LEU B 109 16.47 -6.66 -8.11
CA LEU B 109 16.26 -8.01 -8.62
C LEU B 109 16.58 -9.00 -7.52
N ILE B 110 15.61 -9.85 -7.18
CA ILE B 110 15.77 -10.77 -6.07
C ILE B 110 16.75 -11.91 -6.38
N GLN B 111 16.94 -12.20 -7.66
CA GLN B 111 17.88 -13.24 -8.06
C GLN B 111 19.29 -12.90 -7.63
N ASN B 112 19.69 -11.64 -7.82
CA ASN B 112 21.00 -11.19 -7.38
C ASN B 112 21.13 -11.28 -5.86
N ALA B 113 20.03 -11.05 -5.16
CA ALA B 113 20.00 -11.21 -3.71
C ALA B 113 20.21 -12.68 -3.35
N HIS B 114 19.44 -13.56 -4.00
CA HIS B 114 19.56 -14.99 -3.80
C HIS B 114 21.00 -15.46 -4.02
N ALA B 115 21.60 -15.00 -5.11
CA ALA B 115 22.97 -15.37 -5.44
C ALA B 115 23.93 -14.94 -4.33
N VAL B 116 23.83 -13.69 -3.91
CA VAL B 116 24.71 -13.15 -2.88
C VAL B 116 24.57 -13.93 -1.57
N GLU B 117 23.35 -14.38 -1.28
CA GLU B 117 23.09 -15.14 -0.06
C GLU B 117 23.73 -16.52 -0.10
N ARG B 118 23.74 -17.13 -1.28
CA ARG B 118 24.38 -18.44 -1.45
C ARG B 118 25.89 -18.35 -1.26
N ILE B 119 26.50 -17.33 -1.85
CA ILE B 119 27.94 -17.11 -1.71
C ILE B 119 28.29 -16.82 -0.25
N LEU B 120 27.33 -16.29 0.50
CA LEU B 120 27.54 -16.02 1.91
C LEU B 120 27.47 -17.29 2.75
N LEU B 121 26.29 -17.92 2.77
CA LEU B 121 26.09 -19.14 3.54
C LEU B 121 27.16 -20.19 3.23
N ALA B 122 27.61 -20.22 1.98
CA ALA B 122 28.63 -21.18 1.57
C ALA B 122 30.00 -20.80 2.10
N ALA B 123 30.26 -19.49 2.17
CA ALA B 123 31.57 -19.00 2.62
C ALA B 123 31.70 -19.03 4.14
N THR B 124 30.57 -19.09 4.84
CA THR B 124 30.58 -19.13 6.30
C THR B 124 30.52 -20.56 6.83
N ASP B 125 30.46 -21.52 5.91
CA ASP B 125 30.40 -22.93 6.28
C ASP B 125 31.64 -23.66 5.77
N ASP B 126 32.06 -24.68 6.51
CA ASP B 126 33.23 -25.46 6.15
C ASP B 126 33.21 -25.89 4.69
N ASN B 150 37.65 -23.73 -1.63
CA ASN B 150 38.59 -22.63 -1.84
C ASN B 150 37.89 -21.30 -2.11
N LYS B 151 37.29 -21.17 -3.30
CA LYS B 151 36.53 -19.98 -3.65
C LYS B 151 35.23 -20.35 -4.36
N THR B 152 34.18 -19.59 -4.09
CA THR B 152 32.86 -19.91 -4.63
C THR B 152 32.17 -18.71 -5.27
N GLY B 153 31.10 -18.97 -6.01
CA GLY B 153 30.31 -17.92 -6.61
C GLY B 153 28.99 -18.43 -7.17
N GLY B 154 28.01 -17.55 -7.27
CA GLY B 154 26.72 -17.91 -7.82
C GLY B 154 26.51 -17.34 -9.21
N THR B 155 25.31 -17.52 -9.76
CA THR B 155 24.98 -16.96 -11.05
C THR B 155 24.25 -15.64 -10.87
N PHE B 156 24.89 -14.54 -11.26
CA PHE B 156 24.31 -13.22 -11.11
C PHE B 156 23.60 -12.77 -12.37
N TYR B 157 23.09 -11.54 -12.34
CA TYR B 157 22.36 -11.00 -13.49
C TYR B 157 22.69 -9.53 -13.76
N LYS B 158 23.06 -9.25 -15.01
CA LYS B 158 23.32 -7.87 -15.44
C LYS B 158 22.17 -7.40 -16.29
N MET B 159 21.90 -6.08 -16.23
CA MET B 159 20.75 -5.53 -16.92
C MET B 159 21.07 -5.04 -18.33
N VAL B 160 20.49 -5.71 -19.31
CA VAL B 160 20.59 -5.30 -20.71
C VAL B 160 19.18 -5.06 -21.23
N ARG B 161 18.97 -3.94 -21.92
CA ARG B 161 17.61 -3.53 -22.23
C ARG B 161 17.40 -3.03 -23.66
N ASP B 162 16.34 -3.52 -24.28
CA ASP B 162 15.81 -2.90 -25.50
C ASP B 162 15.39 -1.51 -25.06
N ASP B 163 15.47 -0.54 -25.97
CA ASP B 163 15.26 0.85 -25.61
C ASP B 163 13.98 1.06 -24.79
N LYS B 164 12.94 0.31 -25.11
CA LYS B 164 11.66 0.44 -24.41
C LYS B 164 11.56 -0.29 -23.06
N THR B 165 12.08 -1.51 -22.99
CA THR B 165 11.90 -2.35 -21.80
C THR B 165 13.21 -2.96 -21.29
N ILE B 166 13.21 -3.39 -20.03
CA ILE B 166 14.41 -3.91 -19.38
C ILE B 166 14.49 -5.44 -19.40
N TYR B 167 15.70 -5.95 -19.64
CA TYR B 167 15.95 -7.39 -19.66
C TYR B 167 17.21 -7.71 -18.85
N PHE B 168 17.43 -8.99 -18.57
CA PHE B 168 18.61 -9.40 -17.80
C PHE B 168 19.33 -10.58 -18.43
N SER B 169 20.65 -10.64 -18.21
CA SER B 169 21.45 -11.74 -18.73
C SER B 169 22.24 -12.41 -17.61
N PRO B 170 22.37 -13.75 -17.69
CA PRO B 170 23.12 -14.52 -16.69
C PRO B 170 24.62 -14.19 -16.71
N ILE B 171 25.24 -14.16 -15.54
CA ILE B 171 26.65 -13.78 -15.42
C ILE B 171 27.53 -14.87 -14.82
N ARG B 172 27.24 -15.25 -13.58
CA ARG B 172 28.02 -16.26 -12.87
C ARG B 172 29.49 -15.85 -12.69
N ILE B 173 29.72 -14.89 -11.80
CA ILE B 173 31.07 -14.55 -11.37
C ILE B 173 31.39 -15.25 -10.05
N THR B 174 32.63 -15.09 -9.58
CA THR B 174 33.09 -15.79 -8.39
C THR B 174 34.17 -15.01 -7.65
N PHE B 175 34.21 -15.18 -6.33
CA PHE B 175 35.30 -14.63 -5.53
C PHE B 175 35.69 -15.57 -4.39
N LEU B 176 36.68 -15.15 -3.60
CA LEU B 176 37.25 -15.99 -2.56
C LEU B 176 36.31 -16.13 -1.36
N LYS B 177 36.17 -17.35 -0.86
CA LYS B 177 35.32 -17.59 0.30
C LYS B 177 35.81 -16.85 1.53
N GLU B 178 37.04 -16.36 1.48
CA GLU B 178 37.64 -15.65 2.60
C GLU B 178 37.19 -14.19 2.61
N GLU B 179 37.57 -13.46 1.56
CA GLU B 179 37.17 -12.06 1.44
C GLU B 179 35.67 -11.90 1.70
N VAL B 180 34.88 -12.85 1.22
CA VAL B 180 33.44 -12.84 1.45
C VAL B 180 33.12 -12.87 2.93
N LYS B 181 33.69 -13.83 3.65
CA LYS B 181 33.45 -13.98 5.09
C LYS B 181 33.98 -12.79 5.87
N THR B 182 35.20 -12.37 5.56
CA THR B 182 35.82 -11.23 6.24
C THR B 182 35.01 -9.96 5.98
N MET B 183 34.69 -9.72 4.71
CA MET B 183 33.88 -8.56 4.33
C MET B 183 32.55 -8.57 5.08
N TYR B 184 31.98 -9.75 5.25
CA TYR B 184 30.70 -9.90 5.93
C TYR B 184 30.81 -9.63 7.42
N LYS B 185 31.73 -10.31 8.09
CA LYS B 185 31.88 -10.20 9.54
C LYS B 185 32.26 -8.78 9.96
N THR B 186 33.15 -8.16 9.19
CA THR B 186 33.55 -6.77 9.45
C THR B 186 32.33 -5.89 9.59
N THR B 187 31.56 -5.78 8.52
CA THR B 187 30.38 -4.92 8.49
C THR B 187 29.25 -5.42 9.40
N MET B 188 29.17 -6.74 9.57
CA MET B 188 28.06 -7.33 10.32
C MET B 188 28.21 -7.20 11.83
N GLY B 189 29.44 -7.41 12.33
CA GLY B 189 29.72 -7.29 13.75
C GLY B 189 29.16 -8.42 14.59
N SER B 190 28.57 -8.07 15.73
CA SER B 190 28.07 -9.06 16.68
C SER B 190 26.80 -9.75 16.22
N ASP B 191 26.18 -9.20 15.18
CA ASP B 191 24.94 -9.74 14.64
C ASP B 191 25.17 -10.76 13.53
N GLY B 192 26.44 -11.09 13.29
CA GLY B 192 26.81 -12.01 12.23
C GLY B 192 26.02 -13.31 12.26
N PHE B 193 25.98 -13.97 13.42
CA PHE B 193 25.22 -15.20 13.57
C PHE B 193 23.73 -14.99 13.30
N SER B 194 23.14 -14.05 14.02
CA SER B 194 21.72 -13.74 13.86
C SER B 194 21.40 -13.44 12.40
N GLY B 195 22.35 -12.84 11.69
CA GLY B 195 22.17 -12.52 10.29
C GLY B 195 22.09 -13.77 9.43
N LEU B 196 23.06 -14.65 9.59
CA LEU B 196 23.08 -15.90 8.83
C LEU B 196 21.84 -16.73 9.10
N ASN B 197 21.45 -16.79 10.37
CA ASN B 197 20.26 -17.54 10.77
C ASN B 197 18.99 -16.97 10.15
N HIS B 198 18.90 -15.64 10.14
CA HIS B 198 17.78 -14.95 9.52
C HIS B 198 17.65 -15.35 8.05
N ILE B 199 18.66 -15.02 7.26
CA ILE B 199 18.70 -15.36 5.84
C ILE B 199 18.35 -16.82 5.63
N MET B 200 18.89 -17.67 6.50
CA MET B 200 18.71 -19.11 6.40
C MET B 200 17.24 -19.50 6.61
N ILE B 201 16.59 -18.84 7.56
CA ILE B 201 15.18 -19.06 7.82
C ILE B 201 14.34 -18.71 6.60
N GLY B 202 14.74 -17.66 5.90
CA GLY B 202 14.05 -17.24 4.69
C GLY B 202 14.06 -18.33 3.64
N HIS B 203 15.24 -18.82 3.30
CA HIS B 203 15.38 -19.85 2.28
C HIS B 203 14.45 -21.03 2.54
N SER B 204 14.29 -21.39 3.82
CA SER B 204 13.44 -22.51 4.20
C SER B 204 11.97 -22.19 3.91
N GLN B 205 11.52 -21.03 4.38
CA GLN B 205 10.13 -20.60 4.16
C GLN B 205 9.79 -20.61 2.69
N MET B 206 10.67 -20.05 1.87
CA MET B 206 10.50 -20.06 0.43
C MET B 206 10.51 -21.50 -0.08
N ASN B 207 11.43 -22.30 0.43
CA ASN B 207 11.56 -23.69 0.02
C ASN B 207 10.28 -24.49 0.22
N ASP B 208 9.64 -24.31 1.36
CA ASP B 208 8.41 -25.03 1.67
C ASP B 208 7.33 -24.70 0.64
N VAL B 209 7.36 -23.48 0.14
CA VAL B 209 6.39 -23.01 -0.85
C VAL B 209 6.68 -23.58 -2.24
N CYS B 210 7.93 -23.43 -2.67
CA CYS B 210 8.32 -23.76 -4.04
C CYS B 210 8.41 -25.25 -4.29
N PHE B 211 8.82 -26.00 -3.27
CA PHE B 211 9.08 -27.43 -3.43
C PHE B 211 8.07 -28.30 -2.69
N GLN B 212 7.83 -29.49 -3.23
CA GLN B 212 6.94 -30.45 -2.60
C GLN B 212 7.77 -31.49 -1.86
N ARG B 213 7.70 -31.45 -0.53
CA ARG B 213 8.51 -32.34 0.30
C ARG B 213 7.77 -33.64 0.62
N SER B 214 6.60 -33.81 0.00
CA SER B 214 5.79 -35.00 0.22
C SER B 214 6.56 -36.28 -0.08
N LYS B 215 7.67 -36.14 -0.80
CA LYS B 215 8.54 -37.28 -1.09
C LYS B 215 9.32 -37.67 0.16
N ALA B 216 10.13 -36.74 0.65
CA ALA B 216 10.92 -36.96 1.86
C ALA B 216 10.06 -37.44 3.03
N LEU B 217 8.78 -37.06 3.03
CA LEU B 217 7.85 -37.55 4.04
C LEU B 217 7.68 -39.05 3.95
N LYS B 218 7.63 -39.57 2.72
CA LYS B 218 7.52 -41.01 2.49
C LYS B 218 8.78 -41.73 2.95
N ARG B 219 9.93 -41.11 2.69
CA ARG B 219 11.22 -41.70 3.05
C ARG B 219 11.35 -41.94 4.55
N VAL B 220 10.66 -41.13 5.36
CA VAL B 220 10.68 -41.30 6.81
C VAL B 220 9.50 -42.12 7.29
N GLY B 221 8.62 -42.51 6.37
CA GLY B 221 7.50 -43.38 6.69
C GLY B 221 6.17 -42.67 6.90
N LEU B 222 6.22 -41.34 6.96
CA LEU B 222 5.00 -40.54 7.16
C LEU B 222 4.14 -40.43 5.91
N ASP B 223 2.87 -40.08 6.11
CA ASP B 223 1.90 -39.92 5.02
C ASP B 223 2.27 -38.80 4.04
N PRO B 224 1.70 -38.86 2.83
CA PRO B 224 1.92 -37.82 1.81
C PRO B 224 1.33 -36.49 2.28
N SER B 225 0.20 -36.56 2.97
CA SER B 225 -0.36 -35.39 3.63
C SER B 225 0.49 -35.15 4.88
N LEU B 226 0.05 -34.23 5.73
CA LEU B 226 0.85 -33.84 6.89
C LEU B 226 1.97 -32.92 6.45
N ILE B 227 2.05 -32.68 5.15
CA ILE B 227 3.03 -31.76 4.59
C ILE B 227 2.97 -30.42 5.30
N SER B 228 1.78 -30.06 5.78
CA SER B 228 1.58 -28.81 6.50
C SER B 228 2.34 -28.79 7.83
N THR B 229 2.63 -29.97 8.35
CA THR B 229 3.37 -30.11 9.60
C THR B 229 4.86 -30.29 9.33
N PHE B 230 5.21 -30.28 8.04
CA PHE B 230 6.58 -30.58 7.61
C PHE B 230 7.43 -29.33 7.46
N ALA B 231 6.89 -28.19 7.88
CA ALA B 231 7.55 -26.89 7.69
C ALA B 231 9.01 -26.88 8.17
N GLY B 232 9.88 -26.31 7.36
CA GLY B 232 11.28 -26.11 7.73
C GLY B 232 12.10 -27.38 7.79
N SER B 233 11.91 -28.27 6.83
CA SER B 233 12.66 -29.52 6.79
C SER B 233 13.94 -29.43 5.97
N THR B 234 14.10 -28.34 5.22
CA THR B 234 15.29 -28.17 4.39
C THR B 234 16.33 -27.29 5.07
N ILE B 235 16.00 -26.79 6.26
CA ILE B 235 16.88 -25.84 6.95
C ILE B 235 18.03 -26.54 7.66
N PRO B 236 19.27 -26.09 7.40
CA PRO B 236 20.49 -26.63 8.00
C PRO B 236 20.50 -26.58 9.53
N ARG B 237 21.26 -27.48 10.13
CA ARG B 237 21.39 -27.55 11.58
C ARG B 237 22.21 -26.37 12.11
N ARG B 238 22.81 -25.61 11.19
CA ARG B 238 23.61 -24.45 11.55
C ARG B 238 22.78 -23.41 12.30
N SER B 239 21.50 -23.32 11.94
CA SER B 239 20.60 -22.33 12.53
C SER B 239 20.38 -22.58 14.02
N GLY B 240 20.75 -23.77 14.48
CA GLY B 240 20.62 -24.10 15.89
C GLY B 240 19.21 -24.01 16.42
N ALA B 241 19.09 -23.75 17.72
CA ALA B 241 17.80 -23.70 18.39
C ALA B 241 16.91 -22.60 17.84
N THR B 242 17.52 -21.61 17.20
CA THR B 242 16.76 -20.53 16.57
C THR B 242 16.14 -21.00 15.27
N GLY B 243 16.79 -21.97 14.64
CA GLY B 243 16.30 -22.57 13.41
C GLY B 243 15.17 -23.56 13.63
N VAL B 244 15.28 -24.34 14.70
CA VAL B 244 14.24 -25.32 14.99
C VAL B 244 12.90 -24.63 15.22
N ALA B 245 12.96 -23.33 15.51
CA ALA B 245 11.76 -22.54 15.74
C ALA B 245 10.80 -22.65 14.55
N ILE B 246 11.36 -22.54 13.34
CA ILE B 246 10.55 -22.61 12.13
C ILE B 246 10.28 -24.05 11.73
N LYS B 247 10.90 -24.99 12.43
CA LYS B 247 10.70 -26.41 12.18
C LYS B 247 9.33 -26.88 12.66
N GLY B 248 8.64 -27.64 11.83
CA GLY B 248 7.30 -28.10 12.15
C GLY B 248 7.32 -29.39 12.94
N GLY B 249 6.15 -29.82 13.39
CA GLY B 249 6.03 -31.04 14.17
C GLY B 249 6.53 -32.25 13.42
N GLY B 250 5.99 -32.46 12.22
CA GLY B 250 6.39 -33.57 11.39
C GLY B 250 7.90 -33.60 11.17
N THR B 251 8.48 -32.42 10.97
CA THR B 251 9.91 -32.31 10.75
C THR B 251 10.70 -32.96 11.88
N LEU B 252 10.30 -32.69 13.12
CA LEU B 252 10.97 -33.25 14.28
C LEU B 252 10.70 -34.74 14.42
N VAL B 253 9.43 -35.12 14.32
CA VAL B 253 9.05 -36.53 14.35
C VAL B 253 9.84 -37.29 13.29
N ALA B 254 10.08 -36.64 12.15
CA ALA B 254 10.87 -37.24 11.09
C ALA B 254 12.32 -37.42 11.52
N GLU B 255 12.90 -36.35 12.06
CA GLU B 255 14.29 -36.37 12.53
C GLU B 255 14.49 -37.45 13.60
N ALA B 256 13.46 -37.66 14.41
CA ALA B 256 13.50 -38.69 15.43
C ALA B 256 13.45 -40.08 14.80
N ILE B 257 12.47 -40.29 13.93
CA ILE B 257 12.28 -41.59 13.28
C ILE B 257 13.53 -42.04 12.53
N ARG B 258 14.14 -41.12 11.79
CA ARG B 258 15.34 -41.45 11.03
C ARG B 258 16.50 -41.79 11.95
N PHE B 259 16.53 -41.18 13.13
CA PHE B 259 17.58 -41.48 14.11
C PHE B 259 17.35 -42.84 14.73
N ILE B 260 16.13 -43.09 15.21
CA ILE B 260 15.77 -44.38 15.77
C ILE B 260 16.10 -45.50 14.79
N GLY B 261 15.88 -45.23 13.51
CA GLY B 261 16.19 -46.20 12.47
C GLY B 261 17.69 -46.43 12.34
N ARG B 262 18.45 -45.34 12.33
CA ARG B 262 19.90 -45.42 12.21
C ARG B 262 20.53 -46.02 13.47
N ALA B 263 19.80 -45.95 14.57
CA ALA B 263 20.27 -46.51 15.83
C ALA B 263 20.08 -48.03 15.84
N MET B 264 19.02 -48.49 15.19
CA MET B 264 18.75 -49.92 15.10
C MET B 264 19.78 -50.60 14.20
N ALA B 265 19.94 -50.10 12.99
CA ALA B 265 20.94 -50.61 12.06
C ALA B 265 22.31 -50.57 12.71
N ASP B 266 22.64 -49.42 13.29
CA ASP B 266 23.89 -49.26 13.99
C ASP B 266 23.68 -48.75 15.41
N ARG B 267 23.98 -49.60 16.38
CA ARG B 267 24.04 -49.16 17.76
C ARG B 267 25.35 -48.41 17.86
N GLY B 268 25.74 -48.06 19.07
CA GLY B 268 27.01 -47.39 19.25
C GLY B 268 26.82 -45.90 19.43
N LEU B 269 25.71 -45.35 18.96
CA LEU B 269 25.37 -44.03 19.45
C LEU B 269 24.19 -44.16 20.39
N LEU B 270 24.54 -44.37 21.65
CA LEU B 270 23.79 -44.04 22.85
C LEU B 270 24.96 -43.61 23.70
N ARG B 271 25.84 -44.61 23.87
CA ARG B 271 27.13 -44.49 24.51
C ARG B 271 27.93 -43.31 23.98
N ASP B 272 27.66 -42.94 22.73
CA ASP B 272 28.32 -41.79 22.11
C ASP B 272 28.05 -40.53 22.94
N ILE B 273 26.81 -40.41 23.42
CA ILE B 273 26.37 -39.33 24.30
C ILE B 273 26.30 -37.96 23.61
N LYS B 274 26.89 -37.87 22.42
CA LYS B 274 26.82 -36.64 21.64
C LYS B 274 25.50 -36.62 20.88
N ALA B 275 25.36 -37.57 19.96
CA ALA B 275 24.14 -37.71 19.18
C ALA B 275 22.99 -38.25 20.03
N LYS B 276 23.32 -38.76 21.21
CA LYS B 276 22.32 -39.31 22.11
C LYS B 276 21.47 -38.22 22.73
N THR B 277 22.11 -37.21 23.31
CA THR B 277 21.40 -36.05 23.84
C THR B 277 20.86 -35.22 22.68
N ALA B 278 21.56 -35.26 21.55
CA ALA B 278 21.11 -34.58 20.35
C ALA B 278 19.76 -35.13 19.92
N TYR B 279 19.59 -36.44 20.06
CA TYR B 279 18.31 -37.08 19.77
C TYR B 279 17.25 -36.64 20.77
N GLU B 280 17.61 -36.62 22.04
CA GLU B 280 16.66 -36.27 23.11
C GLU B 280 16.17 -34.82 23.00
N LYS B 281 17.07 -33.91 22.62
CA LYS B 281 16.72 -32.51 22.50
C LYS B 281 15.62 -32.32 21.44
N ILE B 282 15.59 -33.23 20.47
CA ILE B 282 14.55 -33.22 19.46
C ILE B 282 13.20 -33.57 20.09
N LEU B 283 13.22 -34.49 21.05
CA LEU B 283 12.00 -34.90 21.75
C LEU B 283 11.56 -33.82 22.73
N LEU B 284 12.51 -33.05 23.25
CA LEU B 284 12.20 -31.95 24.16
C LEU B 284 11.71 -30.74 23.38
N ASN B 285 12.38 -30.43 22.26
CA ASN B 285 11.89 -29.40 21.36
C ASN B 285 10.48 -29.73 20.93
N LEU B 286 10.26 -31.00 20.59
CA LEU B 286 8.91 -31.51 20.40
C LEU B 286 8.24 -31.50 21.78
N LYS B 287 6.91 -31.44 21.78
CA LYS B 287 6.14 -31.33 23.03
C LYS B 287 6.20 -29.92 23.60
N ASN B 288 7.18 -29.15 23.16
CA ASN B 288 7.21 -27.72 23.48
C ASN B 288 6.28 -27.02 22.50
N LYS B 289 6.30 -27.50 21.26
CA LYS B 289 5.42 -26.98 20.23
C LYS B 289 4.08 -27.69 20.28
N CYS B 290 4.02 -28.80 20.99
CA CYS B 290 2.77 -29.56 21.13
C CYS B 290 1.88 -28.94 22.20
N SER B 291 0.62 -28.68 21.84
CA SER B 291 -0.32 -28.05 22.75
C SER B 291 -1.11 -29.07 23.55
N ALA B 292 -1.90 -29.88 22.86
CA ALA B 292 -2.77 -30.86 23.50
C ALA B 292 -2.01 -31.73 24.49
N PRO B 293 -2.62 -32.00 25.65
CA PRO B 293 -2.01 -32.81 26.71
C PRO B 293 -1.66 -34.21 26.20
N GLN B 294 -2.58 -34.83 25.47
CA GLN B 294 -2.37 -36.17 24.94
C GLN B 294 -1.04 -36.28 24.20
N GLN B 295 -0.70 -35.23 23.45
CA GLN B 295 0.51 -35.22 22.65
C GLN B 295 1.76 -35.08 23.52
N LYS B 296 1.75 -34.09 24.42
CA LYS B 296 2.87 -33.87 25.33
C LYS B 296 3.07 -35.10 26.20
N ALA B 297 2.00 -35.88 26.36
CA ALA B 297 2.08 -37.13 27.10
C ALA B 297 2.66 -38.24 26.24
N LEU B 298 2.26 -38.28 24.97
CA LEU B 298 2.71 -39.33 24.06
C LEU B 298 4.20 -39.24 23.79
N VAL B 299 4.73 -38.03 23.80
CA VAL B 299 6.17 -37.82 23.62
C VAL B 299 6.92 -38.20 24.89
N ASP B 300 6.25 -38.03 26.04
CA ASP B 300 6.82 -38.41 27.33
C ASP B 300 7.16 -39.89 27.34
N GLN B 301 6.22 -40.71 26.89
CA GLN B 301 6.44 -42.15 26.82
C GLN B 301 7.68 -42.48 26.00
N VAL B 302 7.88 -41.72 24.92
CA VAL B 302 9.04 -41.93 24.05
C VAL B 302 10.33 -41.54 24.75
N ILE B 303 10.28 -40.48 25.56
CA ILE B 303 11.44 -40.02 26.31
C ILE B 303 11.79 -41.01 27.42
N GLY B 304 10.77 -41.56 28.06
CA GLY B 304 10.96 -42.44 29.19
C GLY B 304 11.51 -43.81 28.84
N SER B 305 11.77 -44.03 27.55
CA SER B 305 12.31 -45.32 27.12
C SER B 305 13.81 -45.20 26.84
N ARG B 306 14.61 -45.85 27.69
CA ARG B 306 16.06 -45.82 27.57
C ARG B 306 16.48 -46.44 26.24
N ASN B 307 15.83 -47.55 25.88
CA ASN B 307 16.04 -48.19 24.59
C ASN B 307 14.85 -47.98 23.67
N PRO B 308 15.09 -47.44 22.47
CA PRO B 308 14.03 -47.08 21.51
C PRO B 308 13.36 -48.31 20.88
N GLY B 309 12.45 -48.93 21.61
CA GLY B 309 11.72 -50.09 21.11
C GLY B 309 10.65 -49.72 20.10
N ILE B 310 9.84 -50.71 19.72
CA ILE B 310 8.81 -50.51 18.70
C ILE B 310 7.72 -49.54 19.17
N ALA B 311 7.49 -49.49 20.48
CA ALA B 311 6.46 -48.63 21.05
C ALA B 311 6.70 -47.16 20.71
N ASP B 312 7.96 -46.81 20.47
CA ASP B 312 8.32 -45.42 20.19
C ASP B 312 7.90 -44.99 18.79
N ILE B 313 8.50 -45.60 17.77
CA ILE B 313 8.16 -45.29 16.39
C ILE B 313 6.66 -45.42 16.15
N GLU B 314 6.05 -46.36 16.86
CA GLU B 314 4.62 -46.58 16.75
C GLU B 314 3.86 -45.34 17.21
N ASP B 315 4.34 -44.71 18.27
CA ASP B 315 3.72 -43.50 18.81
C ASP B 315 3.98 -42.29 17.92
N LEU B 316 5.24 -42.08 17.55
CA LEU B 316 5.63 -40.93 16.75
C LEU B 316 4.77 -40.79 15.50
N THR B 317 4.44 -41.92 14.87
CA THR B 317 3.60 -41.90 13.68
C THR B 317 2.19 -41.43 14.01
N LEU B 318 1.65 -41.94 15.11
CA LEU B 318 0.34 -41.51 15.56
C LEU B 318 0.39 -40.04 15.94
N LEU B 319 1.51 -39.63 16.53
CA LEU B 319 1.72 -38.24 16.91
C LEU B 319 1.74 -37.36 15.67
N ALA B 320 2.44 -37.83 14.63
CA ALA B 320 2.52 -37.09 13.39
C ALA B 320 1.13 -36.76 12.85
N ARG B 321 0.28 -37.78 12.79
CA ARG B 321 -1.09 -37.59 12.30
C ARG B 321 -1.85 -36.59 13.17
N SER B 322 -1.69 -36.70 14.49
CA SER B 322 -2.43 -35.86 15.42
C SER B 322 -2.10 -34.38 15.26
N MET B 323 -0.93 -34.09 14.69
CA MET B 323 -0.50 -32.70 14.52
C MET B 323 -1.23 -32.02 13.36
N VAL B 324 -1.91 -32.82 12.54
CA VAL B 324 -2.73 -32.27 11.46
C VAL B 324 -4.11 -31.91 11.98
N VAL B 325 -4.45 -32.43 13.16
CA VAL B 325 -5.70 -32.12 13.83
C VAL B 325 -5.48 -31.00 14.84
N VAL B 326 -4.66 -31.28 15.85
CA VAL B 326 -4.22 -30.24 16.77
C VAL B 326 -2.81 -29.79 16.36
N ARG B 327 -2.74 -28.58 15.82
CA ARG B 327 -1.52 -28.10 15.18
C ARG B 327 -0.51 -27.55 16.18
N PRO B 328 0.74 -28.03 16.11
CA PRO B 328 1.80 -27.58 17.02
C PRO B 328 2.19 -26.14 16.78
N SER B 329 3.13 -25.63 17.58
CA SER B 329 3.54 -24.23 17.49
C SER B 329 4.76 -24.07 16.62
N VAL B 330 4.57 -23.42 15.47
CA VAL B 330 5.67 -23.14 14.55
C VAL B 330 5.87 -21.64 14.43
N ALA B 331 7.02 -21.16 14.87
CA ALA B 331 7.31 -19.72 14.83
C ALA B 331 7.26 -19.22 13.39
N SER B 332 6.43 -18.21 13.15
CA SER B 332 6.27 -17.64 11.83
C SER B 332 6.87 -16.25 11.78
N LYS B 333 7.81 -16.04 10.86
CA LYS B 333 8.50 -14.76 10.75
C LYS B 333 8.51 -14.25 9.32
N VAL B 334 8.60 -12.93 9.17
CA VAL B 334 8.71 -12.32 7.84
C VAL B 334 10.17 -12.12 7.47
N VAL B 335 10.61 -12.82 6.43
CA VAL B 335 11.99 -12.71 5.96
C VAL B 335 12.00 -12.27 4.51
N LEU B 336 12.73 -11.18 4.23
CA LEU B 336 12.84 -10.64 2.88
C LEU B 336 14.28 -10.69 2.41
N PRO B 337 14.49 -10.78 1.09
CA PRO B 337 15.83 -10.79 0.51
C PRO B 337 16.62 -9.55 0.91
N ILE B 338 17.91 -9.71 1.19
CA ILE B 338 18.76 -8.60 1.64
C ILE B 338 18.75 -7.43 0.66
N SER B 339 18.40 -7.70 -0.60
CA SER B 339 18.30 -6.65 -1.60
C SER B 339 17.26 -5.61 -1.18
N ILE B 340 16.24 -6.06 -0.45
CA ILE B 340 15.24 -5.16 0.11
C ILE B 340 15.78 -4.47 1.36
N TYR B 341 16.48 -5.24 2.18
CA TYR B 341 17.06 -4.70 3.41
C TYR B 341 18.11 -3.64 3.11
N ALA B 342 18.62 -3.65 1.89
CA ALA B 342 19.63 -2.67 1.47
C ALA B 342 18.99 -1.31 1.17
N LYS B 343 17.70 -1.32 0.86
CA LYS B 343 16.98 -0.11 0.53
C LYS B 343 16.38 0.57 1.76
N ILE B 344 16.48 -0.10 2.90
CA ILE B 344 15.92 0.44 4.15
C ILE B 344 16.35 1.89 4.42
N PRO B 345 17.66 2.17 4.31
CA PRO B 345 18.12 3.55 4.50
C PRO B 345 17.58 4.51 3.44
N GLN B 346 17.39 4.02 2.22
CA GLN B 346 16.88 4.84 1.13
C GLN B 346 15.36 5.05 1.24
N LEU B 347 14.66 4.01 1.69
CA LEU B 347 13.23 4.12 1.93
C LEU B 347 12.98 5.12 3.04
N GLY B 348 14.06 5.48 3.72
CA GLY B 348 14.01 6.48 4.78
C GLY B 348 13.60 5.86 6.09
N PHE B 349 14.12 6.42 7.19
CA PHE B 349 13.68 6.13 8.55
C PHE B 349 13.51 4.62 8.77
N ASN B 350 12.73 4.27 9.80
CA ASN B 350 11.58 3.39 9.70
C ASN B 350 10.57 3.91 10.72
N VAL B 351 10.78 3.49 11.97
CA VAL B 351 10.63 4.33 13.15
C VAL B 351 12.04 4.59 13.66
N GLU B 352 13.00 3.97 12.98
CA GLU B 352 14.33 3.67 13.50
C GLU B 352 14.30 2.29 14.20
N GLU B 353 13.09 1.74 14.32
CA GLU B 353 12.89 0.41 14.89
C GLU B 353 12.40 -0.55 13.81
N TYR B 354 12.70 -1.84 13.97
CA TYR B 354 12.20 -2.84 13.03
C TYR B 354 11.84 -4.16 13.72
N SER B 355 10.71 -4.75 13.32
CA SER B 355 10.27 -6.04 13.83
C SER B 355 9.78 -6.93 12.69
N MET B 356 10.34 -8.14 12.62
CA MET B 356 9.98 -9.05 11.53
C MET B 356 8.66 -9.77 11.79
N VAL B 357 8.22 -9.77 13.05
CA VAL B 357 6.94 -10.37 13.39
C VAL B 357 5.82 -9.33 13.41
N GLY B 358 6.19 -8.06 13.30
CA GLY B 358 5.24 -6.97 13.46
C GLY B 358 4.86 -6.21 12.21
N TYR B 359 4.36 -4.99 12.42
CA TYR B 359 3.93 -4.12 11.33
C TYR B 359 5.11 -3.57 10.53
N GLU B 360 6.23 -3.35 11.21
CA GLU B 360 7.43 -2.82 10.55
C GLU B 360 7.77 -3.62 9.29
N ALA B 361 7.70 -4.95 9.38
CA ALA B 361 7.98 -5.81 8.24
C ALA B 361 6.87 -5.74 7.21
N MET B 362 5.64 -5.60 7.69
CA MET B 362 4.48 -5.48 6.82
C MET B 362 4.64 -4.31 5.86
N ALA B 363 5.01 -3.16 6.40
CA ALA B 363 5.23 -1.96 5.60
C ALA B 363 6.40 -2.15 4.64
N LEU B 364 7.51 -2.68 5.17
CA LEU B 364 8.71 -2.87 4.38
C LEU B 364 8.46 -3.71 3.13
N TYR B 365 7.58 -4.70 3.26
CA TYR B 365 7.23 -5.54 2.12
C TYR B 365 6.52 -4.76 1.03
N ASN B 366 5.48 -4.02 1.43
CA ASN B 366 4.71 -3.23 0.48
C ASN B 366 5.51 -2.06 -0.10
N MET B 367 6.30 -1.41 0.73
CA MET B 367 7.16 -0.32 0.28
C MET B 367 8.16 -0.82 -0.76
N ALA B 368 8.69 -2.01 -0.53
CA ALA B 368 9.69 -2.59 -1.41
C ALA B 368 9.17 -2.75 -2.83
N THR B 369 10.08 -2.61 -3.80
CA THR B 369 9.73 -2.76 -5.21
C THR B 369 10.56 -3.87 -5.84
N PRO B 370 10.30 -5.13 -5.42
CA PRO B 370 11.07 -6.31 -5.83
C PRO B 370 10.80 -6.74 -7.28
N VAL B 371 11.85 -7.17 -7.97
CA VAL B 371 11.71 -7.69 -9.32
C VAL B 371 12.30 -9.09 -9.42
N SER B 372 11.60 -9.99 -10.10
CA SER B 372 12.06 -11.37 -10.24
C SER B 372 12.20 -11.78 -11.70
N ILE B 373 13.27 -12.52 -12.00
CA ILE B 373 13.47 -13.05 -13.34
C ILE B 373 12.34 -14.00 -13.67
N LEU B 374 11.80 -13.88 -14.88
CA LEU B 374 10.73 -14.75 -15.34
C LEU B 374 11.27 -15.82 -16.29
N ARG B 375 10.92 -17.07 -16.04
CA ARG B 375 11.28 -18.14 -16.96
C ARG B 375 10.17 -18.29 -17.99
N MET B 376 10.35 -19.21 -18.93
CA MET B 376 9.35 -19.42 -19.98
C MET B 376 8.03 -19.89 -19.39
N GLY B 377 6.94 -19.34 -19.90
CA GLY B 377 5.61 -19.73 -19.47
C GLY B 377 5.25 -19.25 -18.07
N ASP B 378 6.06 -18.34 -17.54
CA ASP B 378 5.84 -17.81 -16.20
C ASP B 378 4.79 -16.69 -16.22
N ASP B 379 3.74 -16.86 -15.42
CA ASP B 379 2.74 -15.83 -15.25
C ASP B 379 3.19 -14.87 -14.14
N ALA B 380 3.40 -13.61 -14.50
CA ALA B 380 3.91 -12.62 -13.55
C ALA B 380 3.06 -12.59 -12.28
N LYS B 381 1.75 -12.61 -12.45
CA LYS B 381 0.82 -12.64 -11.32
C LYS B 381 1.12 -13.82 -10.42
N ASP B 382 0.96 -15.03 -10.96
CA ASP B 382 1.22 -16.25 -10.20
C ASP B 382 2.59 -16.27 -9.56
N LYS B 383 3.60 -15.83 -10.31
CA LYS B 383 4.96 -15.75 -9.80
C LYS B 383 5.03 -14.84 -8.58
N SER B 384 4.31 -13.72 -8.66
CA SER B 384 4.29 -12.75 -7.58
C SER B 384 3.69 -13.34 -6.31
N GLN B 385 2.76 -14.27 -6.47
CA GLN B 385 2.15 -14.95 -5.33
C GLN B 385 3.19 -15.76 -4.58
N LEU B 386 4.00 -16.51 -5.31
CA LEU B 386 5.06 -17.32 -4.71
C LEU B 386 5.98 -16.45 -3.87
N PHE B 387 6.34 -15.28 -4.40
CA PHE B 387 7.21 -14.38 -3.67
C PHE B 387 6.55 -13.88 -2.39
N PHE B 388 5.25 -13.65 -2.46
CA PHE B 388 4.49 -13.23 -1.29
C PHE B 388 4.50 -14.33 -0.23
N MET B 389 4.14 -15.54 -0.64
CA MET B 389 4.08 -16.68 0.27
C MET B 389 5.46 -17.00 0.85
N SER B 390 6.49 -16.86 0.02
CA SER B 390 7.85 -17.14 0.46
C SER B 390 8.31 -16.18 1.54
N CYS B 391 7.90 -14.93 1.43
CA CYS B 391 8.30 -13.91 2.39
C CYS B 391 7.59 -14.07 3.73
N PHE B 392 6.31 -14.41 3.67
CA PHE B 392 5.50 -14.55 4.87
C PHE B 392 5.44 -15.98 5.40
N GLY B 393 6.17 -16.89 4.76
CA GLY B 393 6.14 -18.29 5.13
C GLY B 393 4.72 -18.83 5.06
N ALA B 394 3.96 -18.23 4.16
CA ALA B 394 2.52 -18.48 4.04
C ALA B 394 2.18 -19.86 3.48
N ALA B 395 3.22 -20.64 3.15
CA ALA B 395 3.03 -21.91 2.45
C ALA B 395 1.85 -22.72 2.97
N TYR B 396 1.92 -23.13 4.23
CA TYR B 396 0.89 -23.98 4.81
C TYR B 396 -0.29 -23.18 5.37
N GLU B 397 -0.24 -21.86 5.22
CA GLU B 397 -1.33 -20.99 5.67
C GLU B 397 -2.53 -21.05 4.73
N ASP B 398 -3.72 -20.85 5.30
CA ASP B 398 -4.97 -20.83 4.53
C ASP B 398 -4.89 -19.79 3.42
N LEU B 399 -5.24 -20.21 2.20
CA LEU B 399 -5.21 -19.31 1.06
C LEU B 399 -6.29 -18.24 1.13
N ARG B 400 -7.38 -18.56 1.82
CA ARG B 400 -8.47 -17.60 2.01
C ARG B 400 -8.01 -16.40 2.84
N VAL B 401 -7.35 -16.68 3.96
CA VAL B 401 -6.78 -15.63 4.79
C VAL B 401 -5.80 -14.78 3.99
N LEU B 402 -5.07 -15.44 3.09
CA LEU B 402 -4.11 -14.76 2.23
C LEU B 402 -4.81 -13.93 1.16
N SER B 403 -5.87 -14.48 0.60
CA SER B 403 -6.63 -13.80 -0.45
C SER B 403 -7.29 -12.53 0.07
N ALA B 404 -7.55 -12.49 1.37
CA ALA B 404 -8.18 -11.34 2.00
C ALA B 404 -7.20 -10.20 2.16
N LEU B 405 -6.16 -10.44 2.95
CA LEU B 405 -5.14 -9.44 3.23
C LEU B 405 -4.62 -8.77 1.97
N THR B 406 -4.44 -9.55 0.91
CA THR B 406 -3.90 -9.02 -0.35
C THR B 406 -4.96 -8.40 -1.25
N GLY B 407 -6.23 -8.70 -0.97
CA GLY B 407 -7.32 -8.23 -1.79
C GLY B 407 -7.38 -8.92 -3.14
N THR B 408 -6.56 -9.96 -3.30
CA THR B 408 -6.53 -10.73 -4.54
C THR B 408 -6.78 -12.21 -4.27
N GLU B 409 -7.13 -12.95 -5.32
CA GLU B 409 -7.45 -14.37 -5.18
C GLU B 409 -6.22 -15.26 -5.33
N PHE B 410 -5.89 -16.00 -4.28
CA PHE B 410 -4.73 -16.90 -4.29
C PHE B 410 -5.07 -18.27 -4.89
N LYS B 411 -4.29 -18.67 -5.89
CA LYS B 411 -4.47 -19.97 -6.53
C LYS B 411 -3.62 -21.06 -5.86
N PRO B 412 -4.07 -22.32 -5.96
CA PRO B 412 -3.31 -23.47 -5.45
C PRO B 412 -2.06 -23.72 -6.28
N ARG B 413 -1.12 -24.48 -5.75
CA ARG B 413 0.14 -24.76 -6.44
C ARG B 413 -0.10 -25.45 -7.79
N SER B 414 -1.24 -26.11 -7.91
CA SER B 414 -1.59 -26.81 -9.14
C SER B 414 -1.99 -25.82 -10.23
N ALA B 415 -3.08 -25.10 -9.99
CA ALA B 415 -3.58 -24.10 -10.93
C ALA B 415 -2.52 -23.02 -11.21
N LEU B 416 -1.79 -22.65 -10.17
CA LEU B 416 -0.75 -21.64 -10.28
C LEU B 416 0.24 -22.04 -11.38
N LYS B 417 0.49 -21.13 -12.31
CA LYS B 417 1.41 -21.43 -13.40
C LYS B 417 2.71 -20.63 -13.30
N CYS B 418 3.78 -21.30 -12.90
CA CYS B 418 5.11 -20.70 -12.82
C CYS B 418 6.10 -21.70 -12.20
N LYS B 419 7.38 -21.35 -12.24
CA LYS B 419 8.41 -22.22 -11.70
C LYS B 419 9.15 -21.54 -10.55
N GLY B 420 10.16 -22.22 -10.01
CA GLY B 420 10.93 -21.68 -8.90
C GLY B 420 11.64 -20.39 -9.29
N PHE B 421 12.09 -19.64 -8.29
CA PHE B 421 12.75 -18.37 -8.53
C PHE B 421 14.15 -18.54 -9.12
N HIS B 422 14.75 -19.70 -8.87
CA HIS B 422 16.09 -19.96 -9.38
C HIS B 422 16.07 -20.43 -10.83
N VAL B 423 17.01 -19.92 -11.61
CA VAL B 423 17.12 -20.27 -13.02
C VAL B 423 18.10 -21.43 -13.22
N PRO B 424 17.59 -22.58 -13.68
CA PRO B 424 18.45 -23.73 -13.96
C PRO B 424 19.29 -23.46 -15.20
N ALA B 425 20.52 -23.95 -15.20
CA ALA B 425 21.41 -23.73 -16.33
C ALA B 425 20.79 -24.22 -17.64
N LYS B 426 19.95 -25.25 -17.55
CA LYS B 426 19.29 -25.80 -18.72
C LYS B 426 18.53 -24.72 -19.49
N GLU B 427 17.81 -23.87 -18.77
CA GLU B 427 17.24 -22.69 -19.40
C GLU B 427 17.86 -21.43 -18.82
N GLN B 428 18.79 -20.84 -19.56
CA GLN B 428 19.32 -19.52 -19.27
C GLN B 428 19.65 -18.86 -20.60
N VAL B 429 19.19 -17.63 -20.79
CA VAL B 429 19.43 -16.93 -22.05
C VAL B 429 19.78 -15.47 -21.79
N GLU B 430 20.35 -14.82 -22.79
CA GLU B 430 20.65 -13.40 -22.67
C GLU B 430 19.36 -12.59 -22.77
N GLY B 431 19.25 -11.55 -21.95
CA GLY B 431 18.11 -10.67 -22.01
C GLY B 431 16.78 -11.39 -21.87
N MET B 432 16.63 -12.15 -20.80
CA MET B 432 15.38 -12.89 -20.58
C MET B 432 14.37 -12.04 -19.80
N GLY B 433 13.19 -12.59 -19.59
CA GLY B 433 12.09 -11.85 -19.01
C GLY B 433 12.21 -11.60 -17.51
N ALA B 434 11.61 -10.50 -17.08
CA ALA B 434 11.56 -10.16 -15.66
C ALA B 434 10.33 -9.29 -15.38
N ALA B 435 9.84 -9.35 -14.15
CA ALA B 435 8.67 -8.57 -13.77
C ALA B 435 8.68 -8.21 -12.29
N LEU B 436 7.99 -7.14 -11.94
CA LEU B 436 7.86 -6.72 -10.56
C LEU B 436 6.89 -7.66 -9.85
N MET B 437 7.11 -7.89 -8.56
CA MET B 437 6.19 -8.71 -7.80
C MET B 437 5.06 -7.80 -7.33
N SER B 438 3.86 -8.04 -7.87
CA SER B 438 2.77 -7.08 -7.79
C SER B 438 1.80 -7.26 -6.63
N ILE B 439 1.92 -8.37 -5.90
CA ILE B 439 0.97 -8.64 -4.83
C ILE B 439 1.37 -7.99 -3.51
N LYS B 440 0.51 -7.10 -3.01
CA LYS B 440 0.76 -6.38 -1.78
C LYS B 440 -0.30 -6.71 -0.74
N LEU B 441 -0.23 -6.03 0.40
CA LEU B 441 -1.21 -6.19 1.46
C LEU B 441 -2.16 -5.00 1.50
N GLN B 442 -3.46 -5.25 1.43
CA GLN B 442 -4.45 -4.23 1.73
C GLN B 442 -4.57 -4.10 3.24
N PHE B 443 -4.62 -5.24 3.91
CA PHE B 443 -4.68 -5.27 5.38
C PHE B 443 -3.51 -6.08 5.92
N TRP B 444 -3.41 -6.16 7.24
CA TRP B 444 -2.34 -6.90 7.88
C TRP B 444 -2.76 -7.39 9.27
N ALA B 445 -2.22 -8.55 9.65
CA ALA B 445 -2.43 -9.07 10.99
C ALA B 445 -1.08 -9.55 11.54
N PRO B 446 -0.92 -9.53 12.87
CA PRO B 446 0.37 -9.93 13.47
C PRO B 446 0.75 -11.35 13.09
N MET B 447 2.05 -11.63 13.02
CA MET B 447 2.52 -12.98 12.75
C MET B 447 2.50 -13.82 14.02
N THR B 448 1.74 -14.91 13.99
CA THR B 448 1.56 -15.74 15.17
C THR B 448 2.54 -16.89 15.24
N ARG B 449 3.04 -17.14 16.44
CA ARG B 449 3.94 -18.26 16.69
C ARG B 449 3.15 -19.50 17.03
N SER B 450 1.82 -19.39 16.99
CA SER B 450 0.99 -20.50 17.40
C SER B 450 0.35 -21.29 16.25
N GLY B 451 -0.24 -22.42 16.61
CA GLY B 451 -1.06 -23.25 15.75
C GLY B 451 -2.51 -23.14 16.14
N GLY B 452 -2.88 -22.00 16.74
CA GLY B 452 -3.86 -21.97 17.81
C GLY B 452 -5.14 -22.79 17.75
N ASN B 453 -5.63 -23.09 16.56
CA ASN B 453 -6.82 -23.93 16.44
C ASN B 453 -8.00 -23.26 17.12
N GLU B 454 -8.65 -24.00 18.02
CA GLU B 454 -9.73 -23.46 18.82
C GLU B 454 -9.24 -23.11 20.23
N VAL B 455 -9.57 -21.90 20.68
CA VAL B 455 -9.06 -21.39 21.95
C VAL B 455 -9.70 -22.08 23.14
N GLY B 456 -9.33 -21.64 24.35
CA GLY B 456 -9.83 -22.24 25.57
C GLY B 456 -9.07 -23.48 25.96
N GLY B 457 -7.80 -23.55 25.55
CA GLY B 457 -6.98 -24.71 25.82
C GLY B 457 -6.26 -24.64 27.16
N ASP B 458 -5.63 -25.76 27.53
CA ASP B 458 -4.90 -25.87 28.80
C ASP B 458 -5.83 -25.89 30.01
N GLY B 459 -7.09 -25.55 29.80
CA GLY B 459 -8.10 -25.60 30.85
C GLY B 459 -7.99 -24.48 31.86
N GLY B 460 -6.89 -23.73 31.82
CA GLY B 460 -6.69 -22.61 32.71
C GLY B 460 -5.76 -22.90 33.88
N SER B 461 -5.60 -24.17 34.23
CA SER B 461 -4.65 -24.59 35.25
C SER B 461 -4.99 -24.08 36.66
N GLY B 462 -5.98 -23.20 36.74
CA GLY B 462 -6.39 -22.64 38.02
C GLY B 462 -7.59 -23.41 38.56
N GLN B 463 -8.45 -22.71 39.28
CA GLN B 463 -9.67 -23.34 39.80
C GLN B 463 -10.58 -23.67 38.64
N ILE B 464 -10.91 -24.95 38.48
CA ILE B 464 -11.65 -25.41 37.32
C ILE B 464 -13.16 -25.48 37.53
N SER B 465 -13.60 -25.34 38.78
CA SER B 465 -15.00 -25.53 39.09
C SER B 465 -15.42 -24.77 40.34
N CYS B 466 -16.70 -24.86 40.69
CA CYS B 466 -17.23 -24.15 41.84
C CYS B 466 -17.91 -25.09 42.83
N SER B 467 -17.65 -24.88 44.11
CA SER B 467 -18.34 -25.61 45.17
C SER B 467 -19.33 -24.66 45.84
N PRO B 468 -20.62 -24.86 45.57
CA PRO B 468 -21.74 -24.01 46.01
C PRO B 468 -21.80 -23.79 47.53
N VAL B 469 -22.34 -22.62 47.91
CA VAL B 469 -22.62 -22.31 49.30
C VAL B 469 -24.10 -21.99 49.50
N PHE B 470 -24.56 -20.93 48.85
CA PHE B 470 -25.97 -20.54 48.90
C PHE B 470 -26.82 -21.45 48.03
N ALA B 471 -28.07 -21.67 48.43
CA ALA B 471 -28.99 -22.46 47.64
C ALA B 471 -29.82 -21.55 46.73
N VAL B 472 -29.60 -21.68 45.43
CA VAL B 472 -30.31 -20.89 44.44
C VAL B 472 -29.84 -21.31 43.05
N GLU B 473 -30.64 -21.04 42.04
CA GLU B 473 -30.36 -21.52 40.70
C GLU B 473 -29.18 -20.79 40.06
N ARG B 474 -28.40 -21.52 39.27
CA ARG B 474 -27.22 -20.96 38.60
C ARG B 474 -26.60 -22.02 37.70
N PRO B 475 -25.98 -21.58 36.59
CA PRO B 475 -25.58 -22.51 35.53
C PRO B 475 -24.24 -23.24 35.71
N ILE B 476 -24.01 -23.84 36.88
CA ILE B 476 -22.95 -24.86 37.02
C ILE B 476 -21.66 -24.53 36.27
N ALA B 477 -20.88 -23.57 36.77
CA ALA B 477 -19.65 -23.21 36.09
C ALA B 477 -18.64 -24.35 36.15
N LEU B 478 -18.20 -24.80 34.97
CA LEU B 478 -17.21 -25.86 34.86
C LEU B 478 -16.44 -25.76 33.55
N SER B 479 -15.18 -26.16 33.57
CA SER B 479 -14.37 -26.17 32.35
C SER B 479 -14.23 -27.60 31.83
N LYS B 480 -14.87 -27.88 30.69
CA LYS B 480 -14.88 -29.23 30.14
C LYS B 480 -13.51 -29.66 29.61
N GLN B 481 -12.76 -28.71 29.05
CA GLN B 481 -11.46 -29.01 28.48
C GLN B 481 -10.38 -29.12 29.55
N ALA B 482 -10.63 -28.54 30.71
CA ALA B 482 -9.65 -28.55 31.80
C ALA B 482 -9.51 -29.94 32.42
N VAL B 483 -10.57 -30.73 32.35
CA VAL B 483 -10.53 -32.09 32.89
C VAL B 483 -9.81 -33.03 31.93
N ARG B 484 -9.98 -32.79 30.63
CA ARG B 484 -9.33 -33.61 29.63
C ARG B 484 -7.81 -33.43 29.73
N ARG B 485 -7.40 -32.36 30.41
CA ARG B 485 -5.99 -32.13 30.69
C ARG B 485 -5.55 -33.01 31.85
N MET B 486 -6.42 -33.16 32.84
CA MET B 486 -6.10 -33.95 34.03
C MET B 486 -6.22 -35.45 33.77
N LEU B 487 -7.23 -35.83 32.98
CA LEU B 487 -7.44 -37.24 32.66
C LEU B 487 -6.38 -37.76 31.69
N SER B 488 -6.17 -37.03 30.60
CA SER B 488 -5.18 -37.40 29.60
C SER B 488 -3.77 -37.35 30.19
N MET B 489 -3.42 -36.19 30.72
CA MET B 489 -2.10 -36.02 31.35
C MET B 489 -2.12 -36.62 32.74
N ASN B 490 -1.18 -37.53 33.01
CA ASN B 490 -1.12 -38.21 34.29
C ASN B 490 -0.08 -37.62 35.23
N ILE B 491 -0.50 -37.27 36.44
CA ILE B 491 0.42 -36.79 37.46
C ILE B 491 1.09 -37.97 38.18
N GLU B 492 0.29 -38.75 38.90
CA GLU B 492 0.80 -39.94 39.58
C GLU B 492 0.55 -41.23 38.80
N GLY B 493 -0.14 -41.12 37.66
CA GLY B 493 -0.49 -42.28 36.87
C GLY B 493 0.32 -42.48 35.61
N ARG B 494 0.17 -43.64 34.99
CA ARG B 494 0.77 -43.93 33.69
C ARG B 494 -0.27 -44.53 32.75
N ASP B 495 -0.69 -45.75 33.06
CA ASP B 495 -1.74 -46.46 32.33
C ASP B 495 -1.30 -47.04 30.99
N ALA B 496 -0.18 -46.56 30.46
CA ALA B 496 0.38 -47.10 29.22
C ALA B 496 -0.52 -46.86 28.01
N ASP B 497 -1.69 -46.27 28.25
CA ASP B 497 -2.74 -46.15 27.23
C ASP B 497 -2.63 -44.87 26.39
N VAL B 498 -1.53 -44.15 26.57
CA VAL B 498 -1.36 -42.84 25.95
C VAL B 498 -1.81 -42.81 24.49
N LYS B 499 -1.51 -43.87 23.75
CA LYS B 499 -1.94 -43.98 22.36
C LYS B 499 -3.45 -43.80 22.22
N GLY B 500 -4.21 -44.53 23.03
CA GLY B 500 -5.66 -44.44 23.01
C GLY B 500 -6.18 -43.06 23.34
N ASN B 501 -5.44 -42.34 24.19
CA ASN B 501 -5.81 -40.98 24.56
C ASN B 501 -5.77 -40.02 23.37
N LEU B 502 -4.66 -40.05 22.63
CA LEU B 502 -4.53 -39.24 21.42
C LEU B 502 -5.65 -39.57 20.44
N LEU B 503 -5.86 -40.86 20.20
CA LEU B 503 -6.90 -41.31 19.29
C LEU B 503 -8.25 -40.72 19.68
N LYS B 504 -8.63 -40.91 20.93
CA LYS B 504 -9.91 -40.41 21.43
C LYS B 504 -10.00 -38.89 21.33
N MET B 505 -8.86 -38.22 21.50
CA MET B 505 -8.82 -36.76 21.37
C MET B 505 -9.22 -36.33 19.97
N MET B 506 -8.52 -36.87 18.97
CA MET B 506 -8.80 -36.55 17.59
C MET B 506 -10.24 -36.89 17.22
N ASN B 507 -10.65 -38.12 17.51
CA ASN B 507 -11.99 -38.58 17.18
C ASN B 507 -13.11 -37.70 17.74
N ASP B 508 -12.92 -37.20 18.96
CA ASP B 508 -13.91 -36.33 19.59
C ASP B 508 -14.01 -34.99 18.88
N SER B 509 -12.87 -34.43 18.51
CA SER B 509 -12.83 -33.19 17.75
C SER B 509 -13.44 -33.42 16.37
N MET B 510 -13.36 -34.66 15.90
CA MET B 510 -13.96 -35.06 14.63
C MET B 510 -15.48 -35.14 14.76
N ALA B 511 -15.94 -35.35 15.98
CA ALA B 511 -17.36 -35.59 16.25
C ALA B 511 -18.23 -34.36 16.04
N LYS B 512 -17.74 -33.20 16.45
CA LYS B 512 -18.49 -31.96 16.30
C LYS B 512 -18.95 -31.76 14.87
N LYS B 513 -20.23 -31.44 14.68
CA LYS B 513 -20.82 -31.39 13.35
C LYS B 513 -19.98 -30.56 12.38
N THR B 514 -20.02 -29.24 12.53
CA THR B 514 -19.02 -28.38 11.92
C THR B 514 -18.59 -27.35 12.97
N SER B 515 -17.34 -27.43 13.41
CA SER B 515 -16.85 -26.45 14.38
C SER B 515 -15.39 -26.05 14.20
N GLY B 516 -15.16 -24.76 13.99
CA GLY B 516 -13.85 -24.19 14.23
C GLY B 516 -13.79 -22.68 14.12
N ASN B 517 -12.89 -22.09 14.88
CA ASN B 517 -12.49 -20.70 14.72
C ASN B 517 -11.10 -20.49 15.30
N ALA B 518 -10.31 -19.63 14.67
CA ALA B 518 -8.94 -19.42 15.12
C ALA B 518 -8.72 -17.96 15.48
N PHE B 519 -8.01 -17.72 16.57
CA PHE B 519 -7.73 -16.37 17.03
C PHE B 519 -9.02 -15.54 17.03
N ILE B 520 -10.09 -16.11 17.57
CA ILE B 520 -11.36 -15.39 17.65
C ILE B 520 -11.21 -14.07 18.39
N GLY B 521 -11.66 -12.99 17.76
CA GLY B 521 -11.53 -11.66 18.32
C GLY B 521 -10.39 -10.90 17.70
N LYS B 522 -9.45 -11.62 17.09
CA LYS B 522 -8.34 -10.99 16.39
C LYS B 522 -8.81 -10.45 15.05
N LYS B 523 -8.57 -9.16 14.82
CA LYS B 523 -9.06 -8.49 13.63
C LYS B 523 -7.93 -8.07 12.69
N MET B 524 -8.23 -8.00 11.40
CA MET B 524 -7.28 -7.53 10.42
C MET B 524 -7.37 -6.00 10.28
N PHE B 525 -6.23 -5.36 10.05
CA PHE B 525 -6.18 -3.91 9.95
C PHE B 525 -5.57 -3.46 8.63
N GLN B 526 -6.06 -2.35 8.09
CA GLN B 526 -5.53 -1.79 6.86
C GLN B 526 -4.03 -1.53 6.98
N ILE B 527 -3.30 -1.69 5.88
CA ILE B 527 -1.86 -1.44 5.89
C ILE B 527 -1.55 0.02 6.23
N SER B 528 -2.54 0.89 6.03
CA SER B 528 -2.42 2.28 6.42
C SER B 528 -2.69 2.42 7.91
N ASP B 529 -3.38 1.43 8.45
CA ASP B 529 -3.75 1.43 9.86
C ASP B 529 -2.71 0.70 10.68
N LYS B 530 -2.00 1.45 11.52
CA LYS B 530 -1.04 0.87 12.44
C LYS B 530 -1.60 1.07 13.83
N ASN B 531 -0.90 0.55 14.84
CA ASN B 531 -1.38 0.67 16.22
C ASN B 531 -2.67 -0.13 16.42
N LYS B 532 -3.19 -0.66 15.31
CA LYS B 532 -4.40 -1.48 15.33
C LYS B 532 -5.58 -0.76 15.97
N THR B 533 -5.78 0.50 15.60
CA THR B 533 -6.81 1.32 16.23
C THR B 533 -8.16 1.23 15.50
N ASN B 534 -8.17 0.60 14.33
CA ASN B 534 -9.39 0.53 13.54
C ASN B 534 -9.58 -0.82 12.84
N PRO B 535 -10.04 -1.83 13.59
CA PRO B 535 -10.31 -3.18 13.09
C PRO B 535 -11.36 -3.20 11.99
N VAL B 536 -11.16 -4.04 10.98
CA VAL B 536 -12.14 -4.19 9.89
C VAL B 536 -12.85 -5.54 9.99
N GLU B 537 -14.13 -5.55 9.66
CA GLU B 537 -15.00 -6.71 9.92
C GLU B 537 -15.14 -7.67 8.75
N ILE B 538 -14.44 -7.41 7.65
CA ILE B 538 -14.56 -8.24 6.45
C ILE B 538 -14.31 -9.72 6.71
N GLN B 539 -15.13 -10.58 6.10
CA GLN B 539 -14.95 -12.03 6.21
C GLN B 539 -14.29 -12.56 4.93
N ILE B 540 -14.00 -13.86 4.89
CA ILE B 540 -13.15 -14.37 3.81
C ILE B 540 -13.74 -15.38 2.83
N LYS B 541 -14.07 -14.90 1.62
CA LYS B 541 -13.87 -15.66 0.38
C LYS B 541 -14.13 -17.17 0.41
N GLN B 542 -15.31 -17.57 0.87
CA GLN B 542 -15.60 -18.99 1.07
C GLN B 542 -15.54 -19.84 -0.21
N THR B 543 -15.41 -19.18 -1.36
CA THR B 543 -15.38 -19.88 -2.64
C THR B 543 -13.98 -20.37 -3.06
N ILE B 544 -12.96 -19.91 -2.34
CA ILE B 544 -11.58 -20.23 -2.70
C ILE B 544 -11.04 -21.49 -2.01
N PRO B 545 -10.32 -22.33 -2.78
CA PRO B 545 -9.67 -23.53 -2.23
C PRO B 545 -8.80 -23.21 -1.02
N ASN B 546 -8.92 -24.01 0.03
CA ASN B 546 -8.22 -23.74 1.29
C ASN B 546 -6.71 -23.97 1.23
N PHE B 547 -6.32 -25.17 0.81
CA PHE B 547 -4.94 -25.61 0.94
C PHE B 547 -4.10 -25.37 -0.31
N PHE B 548 -2.90 -24.83 -0.11
CA PHE B 548 -2.00 -24.53 -1.22
C PHE B 548 -1.55 -25.80 -1.94
N PHE B 549 -1.18 -26.81 -1.15
CA PHE B 549 -0.72 -28.08 -1.71
C PHE B 549 -1.82 -29.13 -1.82
N GLY B 550 -3.05 -28.76 -1.44
CA GLY B 550 -4.18 -29.65 -1.57
C GLY B 550 -4.32 -30.14 -3.00
N ARG B 551 -4.74 -31.39 -3.17
CA ARG B 551 -4.82 -31.96 -4.51
C ARG B 551 -5.73 -33.20 -4.57
N ASP B 552 -5.71 -33.86 -5.73
CA ASP B 552 -6.47 -35.08 -5.96
C ASP B 552 -7.97 -34.80 -6.09
N THR B 553 -8.36 -33.55 -5.86
CA THR B 553 -9.76 -33.15 -5.96
C THR B 553 -9.94 -32.04 -6.99
#